data_8GRY
#
_entry.id   8GRY
#
_cell.length_a   1.00
_cell.length_b   1.00
_cell.length_c   1.00
_cell.angle_alpha   90.00
_cell.angle_beta   90.00
_cell.angle_gamma   90.00
#
_symmetry.space_group_name_H-M   'P 1'
#
loop_
_entity.id
_entity.type
_entity.pdbx_description
1 polymer 'Processed angiotensin-converting enzyme 2'
2 polymer 'Spike protein S1'
3 non-polymer 'ZINC ION'
4 non-polymer 2-acetamido-2-deoxy-beta-D-glucopyranose
#
loop_
_entity_poly.entity_id
_entity_poly.type
_entity_poly.pdbx_seq_one_letter_code
_entity_poly.pdbx_strand_id
1 'polypeptide(L)'
;SLIEEKAESFLNKFNQEAEDLSYQSSLASWNYNTNITEENAQKMNEAAAKWSAFYEEQSKIAQNFSLQEIQNATIKRQLK
ALQQSGSSALSPDKNKQLNTILNTMSTIYSTGKVCNSMNPQECFLLEPGLDEIMATSTDYNRRLWAWEGWRAEVGKQLRP
LYEEYVVLKNEMARANNYEDYGDYWRGDYEAEGVEGYNYNRNQLIEDVENTFKEIKPLYEQLHAYVRTKLMEVYPSYISP
TGCLPAHLLGDMWGRFWTNLYPLTTPFLQKPNIDVTDAMVNQSWDAERIFKEAEKFFVSVGLPQMTPGFWTNSMLTEPGD
DRKVVCHPTAWDLGHGDFRIKMCTKVTMDNFLTAHHEMGHIQYDMAYAKQPFLLRNGANEGFHEAVGEIMSLSAATPKHL
KSIGLLPSNFQEDNETEINFLLKQALTIVGTLPFTYMLEKWRWMVFQDKIPREQWTKKWWEMKREIVGVVEPLPHDETYC
DPASLFHVSNDYSFIRYYTRTIYQFQFQEALCQAAKHDGPLHKCDISNSTEAGQKLLNMLSLGNSGPWTLALENVVGSRN
MDVKPLLNYFQPLFVWLKEQNRNSTVGWSTDWSPYAD
;
A
2 'polypeptide(L)'
;TNLCPFDEVFNATRFASVYAWNRKRISNCVADYSVLYNFAPFFAFKCYGVSPTKLNDLCFTNVYADSFVIRGNEVSQIAP
GQTGNIADYNYKLPDDFTGCVIAWNSNKLDSKVGGNYNYLYRLFRKSNLKPFERDISTEIYQAGNKPCNGVAGFNCYFPL
RSYGFRPTYGVGHQPYRVVVLSFELLHAPATVCGP
;
B
#
loop_
_chem_comp.id
_chem_comp.type
_chem_comp.name
_chem_comp.formula
NAG D-saccharide, beta linking 2-acetamido-2-deoxy-beta-D-glucopyranose 'C8 H15 N O6'
ZN non-polymer 'ZINC ION' 'Zn 2'
#
# COMPACT_ATOMS: atom_id res chain seq x y z
N SER A 1 -12.76 -30.92 8.70
CA SER A 1 -12.61 -32.31 9.15
C SER A 1 -11.15 -32.71 9.22
N LEU A 2 -10.81 -33.84 8.59
CA LEU A 2 -9.43 -34.31 8.60
C LEU A 2 -8.53 -33.38 7.79
N ILE A 3 -9.07 -32.74 6.76
CA ILE A 3 -8.26 -31.88 5.90
C ILE A 3 -8.16 -30.46 6.43
N GLU A 4 -9.11 -30.02 7.26
CA GLU A 4 -9.04 -28.67 7.81
C GLU A 4 -7.81 -28.49 8.70
N GLU A 5 -7.51 -29.49 9.53
CA GLU A 5 -6.33 -29.42 10.38
C GLU A 5 -5.05 -29.37 9.56
N LYS A 6 -4.98 -30.18 8.50
CA LYS A 6 -3.80 -30.17 7.64
C LYS A 6 -3.62 -28.81 6.98
N ALA A 7 -4.72 -28.23 6.47
CA ALA A 7 -4.63 -26.92 5.84
C ALA A 7 -4.21 -25.86 6.85
N GLU A 8 -4.74 -25.92 8.07
CA GLU A 8 -4.37 -24.95 9.09
C GLU A 8 -2.90 -25.06 9.45
N SER A 9 -2.38 -26.28 9.60
CA SER A 9 -0.96 -26.45 9.90
C SER A 9 -0.08 -25.94 8.77
N PHE A 10 -0.46 -26.25 7.53
CA PHE A 10 0.31 -25.78 6.39
C PHE A 10 0.33 -24.26 6.32
N LEU A 11 -0.82 -23.62 6.56
CA LEU A 11 -0.89 -22.18 6.55
C LEU A 11 -0.04 -21.58 7.67
N ASN A 12 -0.06 -22.19 8.85
CA ASN A 12 0.75 -21.70 9.96
C ASN A 12 2.24 -21.73 9.60
N LYS A 13 2.71 -22.86 9.07
CA LYS A 13 4.12 -22.93 8.70
C LYS A 13 4.45 -21.93 7.60
N PHE A 14 3.56 -21.79 6.61
CA PHE A 14 3.80 -20.85 5.52
C PHE A 14 3.92 -19.43 6.04
N ASN A 15 3.02 -19.03 6.93
CA ASN A 15 3.08 -17.68 7.49
C ASN A 15 4.37 -17.48 8.28
N GLN A 16 4.75 -18.48 9.09
CA GLN A 16 5.93 -18.36 9.93
C GLN A 16 7.19 -18.16 9.08
N GLU A 17 7.32 -18.91 7.98
CA GLU A 17 8.49 -18.73 7.13
C GLU A 17 8.41 -17.44 6.31
N ALA A 18 7.21 -17.12 5.80
CA ALA A 18 7.06 -16.01 4.88
C ALA A 18 7.31 -14.67 5.56
N GLU A 19 6.89 -14.53 6.82
CA GLU A 19 7.14 -13.27 7.52
C GLU A 19 8.63 -12.94 7.54
N ASP A 20 9.46 -13.89 7.98
CA ASP A 20 10.89 -13.66 8.06
C ASP A 20 11.50 -13.45 6.68
N LEU A 21 11.11 -14.27 5.70
CA LEU A 21 11.71 -14.12 4.36
C LEU A 21 11.37 -12.77 3.75
N SER A 22 10.12 -12.34 3.87
CA SER A 22 9.71 -11.04 3.33
C SER A 22 10.41 -9.91 4.05
N TYR A 23 10.57 -10.02 5.38
CA TYR A 23 11.28 -8.97 6.09
C TYR A 23 12.72 -8.87 5.63
N GLN A 24 13.38 -10.01 5.43
CA GLN A 24 14.77 -9.98 4.96
C GLN A 24 14.87 -9.32 3.58
N SER A 25 13.98 -9.72 2.67
CA SER A 25 14.00 -9.14 1.32
C SER A 25 13.75 -7.63 1.36
N SER A 26 12.77 -7.20 2.14
CA SER A 26 12.44 -5.78 2.22
C SER A 26 13.56 -4.98 2.86
N LEU A 27 14.21 -5.55 3.88
CA LEU A 27 15.34 -4.86 4.51
C LEU A 27 16.49 -4.71 3.51
N ALA A 28 16.77 -5.75 2.73
CA ALA A 28 17.81 -5.63 1.71
C ALA A 28 17.45 -4.57 0.68
N SER A 29 16.18 -4.54 0.26
CA SER A 29 15.75 -3.54 -0.72
C SER A 29 15.91 -2.13 -0.18
N TRP A 30 15.51 -1.89 1.06
CA TRP A 30 15.66 -0.56 1.65
C TRP A 30 17.12 -0.20 1.82
N ASN A 31 17.96 -1.18 2.18
CA ASN A 31 19.39 -0.92 2.31
C ASN A 31 19.99 -0.50 0.98
N TYR A 32 19.57 -1.16 -0.11
CA TYR A 32 20.04 -0.75 -1.43
C TYR A 32 19.54 0.65 -1.79
N ASN A 33 18.27 0.94 -1.49
CA ASN A 33 17.70 2.23 -1.85
C ASN A 33 18.32 3.37 -1.06
N THR A 34 18.75 3.11 0.16
CA THR A 34 19.35 4.15 0.99
C THR A 34 20.75 4.54 0.51
N ASN A 35 21.50 3.58 -0.03
CA ASN A 35 22.84 3.85 -0.54
C ASN A 35 23.08 2.95 -1.74
N ILE A 36 23.33 3.55 -2.89
CA ILE A 36 23.49 2.81 -4.14
C ILE A 36 24.93 2.31 -4.24
N THR A 37 25.10 1.00 -4.34
CA THR A 37 26.40 0.37 -4.44
C THR A 37 26.19 -1.02 -5.02
N GLU A 38 27.19 -1.51 -5.75
CA GLU A 38 27.08 -2.83 -6.37
C GLU A 38 26.85 -3.92 -5.32
N GLU A 39 27.45 -3.77 -4.14
CA GLU A 39 27.22 -4.73 -3.06
C GLU A 39 25.75 -4.76 -2.65
N ASN A 40 25.14 -3.57 -2.52
CA ASN A 40 23.74 -3.51 -2.12
C ASN A 40 22.84 -4.11 -3.19
N ALA A 41 23.13 -3.84 -4.46
CA ALA A 41 22.34 -4.42 -5.54
C ALA A 41 22.46 -5.93 -5.56
N GLN A 42 23.68 -6.45 -5.36
CA GLN A 42 23.84 -7.90 -5.28
C GLN A 42 23.01 -8.48 -4.13
N LYS A 43 23.20 -7.94 -2.92
CA LYS A 43 22.47 -8.43 -1.76
C LYS A 43 20.96 -8.40 -2.00
N MET A 44 20.47 -7.36 -2.67
CA MET A 44 19.06 -7.32 -3.04
C MET A 44 18.71 -8.46 -3.98
N ASN A 45 19.61 -8.79 -4.92
CA ASN A 45 19.34 -9.88 -5.85
C ASN A 45 19.19 -11.23 -5.14
N GLU A 46 20.17 -11.58 -4.29
CA GLU A 46 20.01 -12.85 -3.56
C GLU A 46 18.90 -12.80 -2.53
N ALA A 47 18.53 -11.60 -2.07
CA ALA A 47 17.38 -11.50 -1.18
C ALA A 47 16.08 -11.82 -1.91
N ALA A 48 15.94 -11.33 -3.14
CA ALA A 48 14.72 -11.57 -3.90
C ALA A 48 14.65 -12.99 -4.45
N ALA A 49 15.80 -13.57 -4.80
CA ALA A 49 15.79 -14.90 -5.42
C ALA A 49 15.23 -15.95 -4.46
N LYS A 50 15.67 -15.93 -3.20
CA LYS A 50 15.18 -16.91 -2.23
C LYS A 50 13.69 -16.76 -1.99
N TRP A 51 13.21 -15.51 -1.89
CA TRP A 51 11.79 -15.28 -1.70
C TRP A 51 10.98 -15.82 -2.87
N SER A 52 11.44 -15.56 -4.10
CA SER A 52 10.73 -16.07 -5.27
C SER A 52 10.71 -17.59 -5.30
N ALA A 53 11.85 -18.22 -4.99
CA ALA A 53 11.92 -19.68 -5.02
C ALA A 53 11.01 -20.29 -3.96
N PHE A 54 11.01 -19.73 -2.75
CA PHE A 54 10.16 -20.26 -1.68
C PHE A 54 8.69 -20.08 -2.02
N TYR A 55 8.32 -18.93 -2.59
CA TYR A 55 6.94 -18.72 -2.99
C TYR A 55 6.53 -19.72 -4.06
N GLU A 56 7.39 -19.96 -5.04
CA GLU A 56 7.08 -20.92 -6.09
C GLU A 56 6.88 -22.32 -5.52
N GLU A 57 7.78 -22.73 -4.62
CA GLU A 57 7.67 -24.06 -4.02
C GLU A 57 6.39 -24.20 -3.22
N GLN A 58 6.04 -23.17 -2.43
CA GLN A 58 4.83 -23.23 -1.64
C GLN A 58 3.59 -23.27 -2.52
N SER A 59 3.57 -22.48 -3.59
CA SER A 59 2.44 -22.51 -4.51
C SER A 59 2.30 -23.87 -5.16
N LYS A 60 3.43 -24.48 -5.53
CA LYS A 60 3.37 -25.82 -6.14
C LYS A 60 2.85 -26.85 -5.15
N ILE A 61 3.27 -26.77 -3.89
CA ILE A 61 2.87 -27.79 -2.92
C ILE A 61 1.45 -27.56 -2.40
N ALA A 62 0.93 -26.34 -2.48
CA ALA A 62 -0.39 -26.06 -1.93
C ALA A 62 -1.54 -26.61 -2.77
N GLN A 63 -1.27 -27.08 -3.99
CA GLN A 63 -2.34 -27.57 -4.85
C GLN A 63 -2.87 -28.94 -4.44
N ASN A 64 -2.20 -29.63 -3.51
CA ASN A 64 -2.63 -30.95 -3.07
C ASN A 64 -3.92 -30.90 -2.26
N PHE A 65 -4.37 -29.71 -1.84
CA PHE A 65 -5.57 -29.57 -1.04
C PHE A 65 -6.71 -29.08 -1.93
N SER A 66 -7.78 -29.87 -2.01
CA SER A 66 -8.93 -29.48 -2.80
C SER A 66 -9.65 -28.31 -2.14
N LEU A 67 -10.16 -27.39 -2.99
CA LEU A 67 -10.83 -26.21 -2.48
C LEU A 67 -12.23 -26.53 -1.94
N GLN A 68 -12.97 -27.38 -2.64
CA GLN A 68 -14.36 -27.64 -2.27
C GLN A 68 -14.45 -28.49 -1.00
N GLU A 69 -13.43 -29.30 -0.71
CA GLU A 69 -13.47 -30.12 0.50
C GLU A 69 -13.46 -29.28 1.76
N ILE A 70 -12.68 -28.21 1.77
CA ILE A 70 -12.55 -27.37 2.97
C ILE A 70 -13.65 -26.33 2.98
N GLN A 71 -13.98 -25.85 4.18
CA GLN A 71 -14.88 -24.71 4.34
C GLN A 71 -14.59 -24.06 5.69
N ASN A 72 -14.01 -22.86 5.63
CA ASN A 72 -13.78 -22.05 6.83
C ASN A 72 -14.09 -20.58 6.64
N ALA A 73 -14.26 -20.10 5.41
CA ALA A 73 -14.53 -18.71 5.07
C ALA A 73 -13.30 -17.83 5.28
N THR A 74 -12.24 -18.39 5.85
CA THR A 74 -10.97 -17.68 5.97
C THR A 74 -9.79 -18.48 5.44
N ILE A 75 -9.79 -19.80 5.62
CA ILE A 75 -8.72 -20.63 5.06
C ILE A 75 -8.86 -20.73 3.55
N LYS A 76 -10.10 -20.79 3.06
CA LYS A 76 -10.33 -20.94 1.62
C LYS A 76 -9.75 -19.77 0.85
N ARG A 77 -9.95 -18.55 1.35
CA ARG A 77 -9.42 -17.37 0.66
C ARG A 77 -7.89 -17.40 0.61
N GLN A 78 -7.26 -17.77 1.72
CA GLN A 78 -5.80 -17.82 1.77
C GLN A 78 -5.26 -18.87 0.80
N LEU A 79 -5.88 -20.06 0.79
CA LEU A 79 -5.43 -21.10 -0.13
C LEU A 79 -5.64 -20.69 -1.59
N LYS A 80 -6.77 -20.05 -1.88
CA LYS A 80 -7.02 -19.58 -3.24
C LYS A 80 -5.99 -18.54 -3.66
N ALA A 81 -5.67 -17.61 -2.76
CA ALA A 81 -4.66 -16.60 -3.08
C ALA A 81 -3.29 -17.24 -3.30
N LEU A 82 -2.95 -18.24 -2.49
CA LEU A 82 -1.65 -18.89 -2.64
C LEU A 82 -1.57 -19.69 -3.93
N GLN A 83 -2.66 -20.35 -4.34
CA GLN A 83 -2.59 -21.22 -5.52
C GLN A 83 -2.56 -20.42 -6.82
N GLN A 84 -3.07 -19.19 -6.81
CA GLN A 84 -3.14 -18.38 -8.03
C GLN A 84 -1.75 -17.83 -8.36
N SER A 85 -0.86 -18.74 -8.73
CA SER A 85 0.49 -18.41 -9.18
C SER A 85 0.82 -19.24 -10.42
N GLY A 86 -0.10 -19.27 -11.36
CA GLY A 86 0.03 -20.11 -12.54
C GLY A 86 0.86 -19.52 -13.65
N SER A 87 1.62 -18.46 -13.34
CA SER A 87 2.52 -17.87 -14.33
C SER A 87 3.61 -18.85 -14.76
N SER A 88 3.85 -19.90 -13.98
CA SER A 88 4.83 -20.92 -14.31
C SER A 88 4.22 -22.12 -15.03
N ALA A 89 2.93 -22.08 -15.35
CA ALA A 89 2.28 -23.21 -16.00
C ALA A 89 2.44 -23.14 -17.51
N LEU A 90 3.67 -22.95 -17.97
CA LEU A 90 4.00 -22.96 -19.39
C LEU A 90 5.27 -23.78 -19.61
N SER A 91 5.44 -24.26 -20.83
CA SER A 91 6.67 -24.95 -21.17
C SER A 91 7.84 -23.96 -21.10
N PRO A 92 9.02 -24.41 -20.67
CA PRO A 92 10.11 -23.46 -20.40
C PRO A 92 10.51 -22.61 -21.59
N ASP A 93 10.47 -23.15 -22.80
CA ASP A 93 10.92 -22.38 -23.97
C ASP A 93 10.07 -21.14 -24.17
N LYS A 94 8.75 -21.28 -24.04
CA LYS A 94 7.87 -20.11 -24.15
C LYS A 94 8.13 -19.11 -23.04
N ASN A 95 8.47 -19.62 -21.84
CA ASN A 95 8.81 -18.72 -20.74
C ASN A 95 10.04 -17.89 -21.06
N LYS A 96 11.09 -18.53 -21.58
CA LYS A 96 12.30 -17.78 -21.95
C LYS A 96 12.00 -16.78 -23.06
N GLN A 97 11.20 -17.20 -24.06
CA GLN A 97 10.86 -16.29 -25.15
C GLN A 97 10.11 -15.06 -24.63
N LEU A 98 9.13 -15.28 -23.76
CA LEU A 98 8.35 -14.16 -23.23
C LEU A 98 9.21 -13.24 -22.38
N ASN A 99 10.07 -13.81 -21.52
CA ASN A 99 10.94 -12.98 -20.71
C ASN A 99 11.89 -12.15 -21.59
N THR A 100 12.45 -12.78 -22.62
CA THR A 100 13.37 -12.07 -23.51
C THR A 100 12.66 -10.94 -24.24
N ILE A 101 11.44 -11.18 -24.72
CA ILE A 101 10.76 -10.12 -25.46
C ILE A 101 10.33 -8.99 -24.53
N LEU A 102 9.92 -9.32 -23.30
CA LEU A 102 9.59 -8.25 -22.35
C LEU A 102 10.83 -7.40 -22.04
N ASN A 103 11.98 -8.06 -21.83
CA ASN A 103 13.21 -7.31 -21.57
C ASN A 103 13.58 -6.45 -22.77
N THR A 104 13.43 -7.00 -23.98
CA THR A 104 13.76 -6.24 -25.18
C THR A 104 12.88 -5.01 -25.32
N MET A 105 11.57 -5.17 -25.11
CA MET A 105 10.66 -4.02 -25.22
C MET A 105 10.98 -2.97 -24.18
N SER A 106 11.19 -3.39 -22.93
CA SER A 106 11.51 -2.42 -21.88
C SER A 106 12.81 -1.68 -22.18
N THR A 107 13.84 -2.41 -22.61
CA THR A 107 15.13 -1.78 -22.90
C THR A 107 15.03 -0.82 -24.09
N ILE A 108 14.33 -1.23 -25.15
CA ILE A 108 14.23 -0.36 -26.32
C ILE A 108 13.39 0.87 -26.01
N TYR A 109 12.43 0.76 -25.09
CA TYR A 109 11.73 1.96 -24.65
C TYR A 109 12.63 2.85 -23.83
N SER A 110 13.47 2.26 -22.97
CA SER A 110 14.36 3.04 -22.13
C SER A 110 15.39 3.80 -22.95
N THR A 111 15.94 3.16 -23.99
CA THR A 111 17.04 3.74 -24.76
C THR A 111 16.56 4.51 -25.99
N GLY A 112 15.28 4.86 -26.05
CA GLY A 112 14.75 5.60 -27.19
C GLY A 112 15.42 6.94 -27.42
N LYS A 113 15.80 7.20 -28.68
CA LYS A 113 16.48 8.44 -29.04
C LYS A 113 15.87 9.00 -30.31
N VAL A 114 15.77 10.33 -30.37
CA VAL A 114 15.25 11.03 -31.54
C VAL A 114 16.19 12.18 -31.86
N CYS A 115 16.58 12.29 -33.13
CA CYS A 115 17.52 13.30 -33.58
C CYS A 115 16.82 14.30 -34.49
N ASN A 116 17.49 15.43 -34.70
CA ASN A 116 16.95 16.52 -35.49
C ASN A 116 17.41 16.40 -36.95
N SER A 117 16.52 16.81 -37.86
CA SER A 117 16.85 16.74 -39.29
C SER A 117 17.92 17.77 -39.66
N MET A 118 17.86 18.95 -39.06
CA MET A 118 18.83 20.00 -39.39
C MET A 118 20.24 19.58 -38.98
N ASN A 119 20.39 19.06 -37.77
CA ASN A 119 21.70 18.63 -37.28
C ASN A 119 21.56 17.33 -36.49
N PRO A 120 22.24 16.26 -36.91
CA PRO A 120 22.18 14.99 -36.17
C PRO A 120 23.10 14.93 -34.95
N GLN A 121 23.62 16.06 -34.48
CA GLN A 121 24.58 16.03 -33.38
C GLN A 121 23.90 16.06 -32.02
N GLU A 122 22.73 16.67 -31.90
CA GLU A 122 22.09 16.80 -30.59
C GLU A 122 21.44 15.49 -30.14
N CYS A 123 20.46 15.01 -30.90
CA CYS A 123 19.79 13.73 -30.62
C CYS A 123 19.20 13.72 -29.21
N PHE A 124 18.21 14.57 -29.01
CA PHE A 124 17.60 14.75 -27.70
C PHE A 124 17.01 13.44 -27.18
N LEU A 125 17.17 13.23 -25.88
CA LEU A 125 16.61 12.08 -25.19
C LEU A 125 15.23 12.45 -24.65
N LEU A 126 14.57 11.53 -23.95
CA LEU A 126 13.20 11.77 -23.51
C LEU A 126 13.15 12.67 -22.28
N GLU A 127 13.75 12.23 -21.17
CA GLU A 127 13.77 13.06 -19.98
C GLU A 127 14.51 14.36 -20.18
N PRO A 128 15.73 14.40 -20.75
CA PRO A 128 16.38 15.71 -20.98
C PRO A 128 16.03 16.37 -22.31
N GLY A 129 14.85 16.99 -22.36
CA GLY A 129 14.54 17.85 -23.49
C GLY A 129 13.19 17.67 -24.15
N LEU A 130 12.70 16.43 -24.31
CA LEU A 130 11.42 16.25 -24.96
C LEU A 130 10.27 16.64 -24.05
N ASP A 131 10.33 16.26 -22.77
CA ASP A 131 9.26 16.61 -21.85
C ASP A 131 9.15 18.12 -21.67
N GLU A 132 10.28 18.80 -21.53
CA GLU A 132 10.25 20.25 -21.31
C GLU A 132 9.73 20.97 -22.55
N ILE A 133 10.13 20.52 -23.74
CA ILE A 133 9.66 21.17 -24.95
C ILE A 133 8.19 20.87 -25.20
N MET A 134 7.71 19.71 -24.75
CA MET A 134 6.28 19.41 -24.88
C MET A 134 5.46 20.11 -23.81
N ALA A 135 6.09 20.54 -22.73
CA ALA A 135 5.36 21.18 -21.63
C ALA A 135 5.31 22.70 -21.77
N THR A 136 6.43 23.35 -22.07
CA THR A 136 6.48 24.81 -22.00
C THR A 136 6.91 25.47 -23.31
N SER A 137 6.43 24.96 -24.43
CA SER A 137 6.71 25.57 -25.73
C SER A 137 5.45 26.17 -26.33
N THR A 138 5.65 26.94 -27.39
CA THR A 138 4.56 27.60 -28.11
C THR A 138 4.60 27.37 -29.61
N ASP A 139 5.77 27.15 -30.21
CA ASP A 139 5.86 26.96 -31.65
C ASP A 139 5.17 25.67 -32.07
N TYR A 140 4.39 25.77 -33.16
CA TYR A 140 3.65 24.61 -33.65
C TYR A 140 4.58 23.56 -34.26
N ASN A 141 5.52 24.01 -35.09
CA ASN A 141 6.33 23.08 -35.88
C ASN A 141 7.23 22.21 -35.00
N ARG A 142 7.80 22.78 -33.93
CA ARG A 142 8.69 22.02 -33.09
C ARG A 142 7.95 20.88 -32.40
N ARG A 143 6.78 21.18 -31.84
CA ARG A 143 5.95 20.14 -31.23
C ARG A 143 5.56 19.09 -32.26
N LEU A 144 5.18 19.54 -33.46
CA LEU A 144 4.74 18.59 -34.49
C LEU A 144 5.86 17.60 -34.84
N TRP A 145 7.06 18.12 -35.11
CA TRP A 145 8.12 17.22 -35.55
C TRP A 145 8.62 16.35 -34.41
N ALA A 146 8.66 16.88 -33.18
CA ALA A 146 9.05 16.05 -32.05
C ALA A 146 8.07 14.90 -31.85
N TRP A 147 6.77 15.21 -31.90
CA TRP A 147 5.75 14.19 -31.78
C TRP A 147 5.89 13.12 -32.85
N GLU A 148 6.05 13.57 -34.11
CA GLU A 148 6.12 12.63 -35.22
C GLU A 148 7.35 11.73 -35.11
N GLY A 149 8.50 12.32 -34.78
CA GLY A 149 9.71 11.53 -34.64
C GLY A 149 9.61 10.50 -33.52
N TRP A 150 9.08 10.93 -32.36
CA TRP A 150 8.91 9.99 -31.25
C TRP A 150 7.99 8.85 -31.63
N ARG A 151 6.85 9.17 -32.25
CA ARG A 151 5.88 8.14 -32.60
C ARG A 151 6.47 7.17 -33.61
N ALA A 152 7.17 7.67 -34.63
CA ALA A 152 7.80 6.79 -35.61
C ALA A 152 8.82 5.88 -34.96
N GLU A 153 9.75 6.47 -34.20
CA GLU A 153 10.82 5.68 -33.60
C GLU A 153 10.26 4.61 -32.68
N VAL A 154 9.18 4.92 -31.95
CA VAL A 154 8.61 3.94 -31.03
C VAL A 154 7.86 2.85 -31.80
N GLY A 155 6.94 3.25 -32.68
CA GLY A 155 6.08 2.27 -33.32
C GLY A 155 6.84 1.32 -34.24
N LYS A 156 7.72 1.88 -35.08
CA LYS A 156 8.42 1.05 -36.07
C LYS A 156 9.30 0.00 -35.41
N GLN A 157 9.67 0.19 -34.14
CA GLN A 157 10.49 -0.77 -33.43
C GLN A 157 9.70 -1.61 -32.43
N LEU A 158 8.48 -1.20 -32.09
CA LEU A 158 7.72 -1.92 -31.07
C LEU A 158 6.52 -2.69 -31.59
N ARG A 159 6.06 -2.45 -32.83
CA ARG A 159 4.88 -3.16 -33.31
C ARG A 159 5.07 -4.67 -33.41
N PRO A 160 6.09 -5.20 -34.11
CA PRO A 160 6.20 -6.66 -34.21
C PRO A 160 6.38 -7.36 -32.87
N LEU A 161 7.09 -6.73 -31.93
CA LEU A 161 7.27 -7.34 -30.61
C LEU A 161 5.94 -7.45 -29.89
N TYR A 162 5.11 -6.40 -29.95
CA TYR A 162 3.82 -6.43 -29.28
C TYR A 162 2.91 -7.48 -29.92
N GLU A 163 2.98 -7.63 -31.24
CA GLU A 163 2.12 -8.58 -31.93
C GLU A 163 2.33 -10.02 -31.46
N GLU A 164 3.50 -10.34 -30.93
CA GLU A 164 3.85 -11.68 -30.46
C GLU A 164 3.75 -11.79 -28.94
N TYR A 165 4.02 -10.69 -28.25
CA TYR A 165 3.75 -10.59 -26.82
C TYR A 165 2.28 -10.84 -26.52
N VAL A 166 1.38 -10.34 -27.37
CA VAL A 166 -0.05 -10.55 -27.16
C VAL A 166 -0.39 -12.04 -27.20
N VAL A 167 0.15 -12.75 -28.19
CA VAL A 167 -0.15 -14.17 -28.34
C VAL A 167 0.35 -14.96 -27.13
N LEU A 168 1.58 -14.66 -26.70
CA LEU A 168 2.12 -15.39 -25.55
C LEU A 168 1.36 -15.06 -24.25
N LYS A 169 0.93 -13.81 -24.08
CA LYS A 169 0.13 -13.48 -22.91
C LYS A 169 -1.21 -14.20 -22.93
N ASN A 170 -1.83 -14.29 -24.12
CA ASN A 170 -3.08 -15.04 -24.22
C ASN A 170 -2.87 -16.51 -23.89
N GLU A 171 -1.78 -17.10 -24.36
CA GLU A 171 -1.49 -18.50 -24.02
C GLU A 171 -1.27 -18.67 -22.53
N MET A 172 -0.54 -17.75 -21.90
CA MET A 172 -0.32 -17.82 -20.46
C MET A 172 -1.63 -17.73 -19.69
N ALA A 173 -2.51 -16.83 -20.10
CA ALA A 173 -3.81 -16.69 -19.43
C ALA A 173 -4.65 -17.95 -19.61
N ARG A 174 -4.65 -18.52 -20.81
CA ARG A 174 -5.45 -19.72 -21.06
C ARG A 174 -4.91 -20.92 -20.29
N ALA A 175 -3.60 -20.97 -20.05
CA ALA A 175 -3.02 -22.07 -19.28
C ALA A 175 -3.46 -22.05 -17.81
N ASN A 176 -4.05 -20.97 -17.34
CA ASN A 176 -4.46 -20.82 -15.95
C ASN A 176 -5.99 -20.90 -15.81
N ASN A 177 -6.67 -21.45 -16.82
CA ASN A 177 -8.12 -21.58 -16.83
C ASN A 177 -8.78 -20.19 -16.78
N TYR A 178 -8.47 -19.38 -17.78
CA TYR A 178 -9.08 -18.07 -17.96
C TYR A 178 -9.45 -17.89 -19.42
N GLU A 179 -10.44 -17.04 -19.67
CA GLU A 179 -10.93 -16.87 -21.03
C GLU A 179 -9.87 -16.23 -21.92
N ASP A 180 -9.32 -15.09 -21.48
CA ASP A 180 -8.17 -14.42 -22.11
C ASP A 180 -7.40 -13.68 -21.01
N TYR A 181 -6.47 -12.81 -21.44
CA TYR A 181 -5.68 -12.06 -20.48
C TYR A 181 -6.46 -10.90 -19.88
N GLY A 182 -7.40 -10.32 -20.64
CA GLY A 182 -8.25 -9.29 -20.08
C GLY A 182 -9.02 -9.79 -18.88
N ASP A 183 -9.48 -11.05 -18.93
CA ASP A 183 -10.11 -11.64 -17.76
C ASP A 183 -9.12 -11.78 -16.62
N TYR A 184 -7.85 -12.08 -16.94
CA TYR A 184 -6.85 -12.18 -15.88
C TYR A 184 -6.66 -10.85 -15.16
N TRP A 185 -6.61 -9.74 -15.90
CA TRP A 185 -6.56 -8.44 -15.24
C TRP A 185 -7.85 -8.12 -14.49
N ARG A 186 -9.01 -8.45 -15.07
CA ARG A 186 -10.27 -8.12 -14.42
C ARG A 186 -10.53 -8.99 -13.20
N GLY A 187 -9.80 -10.08 -13.03
CA GLY A 187 -9.98 -10.95 -11.89
C GLY A 187 -9.57 -10.36 -10.56
N ASP A 188 -8.94 -9.17 -10.56
CA ASP A 188 -8.61 -8.53 -9.30
C ASP A 188 -9.89 -8.01 -8.62
N TYR A 189 -10.81 -7.45 -9.39
CA TYR A 189 -12.02 -6.85 -8.84
C TYR A 189 -13.11 -7.85 -8.49
N GLU A 190 -12.98 -9.12 -8.84
CA GLU A 190 -14.02 -10.08 -8.52
C GLU A 190 -14.08 -10.30 -7.01
N ALA A 191 -15.30 -10.30 -6.47
CA ALA A 191 -15.52 -10.44 -5.03
C ALA A 191 -16.59 -11.49 -4.80
N GLU A 192 -16.19 -12.62 -4.25
CA GLU A 192 -17.10 -13.70 -3.90
C GLU A 192 -17.03 -13.96 -2.40
N GLY A 193 -18.17 -14.34 -1.82
CA GLY A 193 -18.24 -14.53 -0.39
C GLY A 193 -19.66 -14.56 0.14
N VAL A 194 -19.92 -13.76 1.18
CA VAL A 194 -21.26 -13.73 1.77
C VAL A 194 -22.28 -13.27 0.75
N GLU A 195 -23.51 -13.73 0.92
CA GLU A 195 -24.58 -13.43 -0.03
C GLU A 195 -24.90 -11.94 -0.04
N GLY A 196 -25.23 -11.43 -1.22
CA GLY A 196 -25.59 -10.05 -1.40
C GLY A 196 -24.45 -9.14 -1.84
N TYR A 197 -23.21 -9.56 -1.64
CA TYR A 197 -22.04 -8.78 -2.03
C TYR A 197 -21.24 -9.45 -3.14
N ASN A 198 -21.83 -10.41 -3.84
CA ASN A 198 -21.14 -11.10 -4.91
C ASN A 198 -20.90 -10.16 -6.09
N TYR A 199 -19.70 -10.21 -6.65
CA TYR A 199 -19.31 -9.37 -7.78
C TYR A 199 -18.60 -10.22 -8.81
N ASN A 200 -19.06 -10.17 -10.05
CA ASN A 200 -18.47 -10.91 -11.14
C ASN A 200 -17.60 -10.01 -12.00
N ARG A 201 -16.66 -10.64 -12.73
CA ARG A 201 -15.73 -9.87 -13.55
C ARG A 201 -16.45 -9.14 -14.67
N ASN A 202 -17.38 -9.81 -15.34
CA ASN A 202 -18.01 -9.25 -16.54
C ASN A 202 -18.78 -7.97 -16.25
N GLN A 203 -19.19 -7.74 -15.00
CA GLN A 203 -19.90 -6.51 -14.68
C GLN A 203 -18.96 -5.30 -14.73
N LEU A 204 -17.67 -5.50 -14.45
CA LEU A 204 -16.75 -4.38 -14.31
C LEU A 204 -16.74 -3.49 -15.53
N ILE A 205 -16.91 -4.06 -16.73
CA ILE A 205 -16.99 -3.25 -17.94
C ILE A 205 -18.25 -2.40 -17.91
N GLU A 206 -19.41 -3.04 -17.72
CA GLU A 206 -20.69 -2.36 -17.90
C GLU A 206 -20.80 -1.16 -16.96
N ASP A 207 -20.50 -1.38 -15.67
CA ASP A 207 -20.54 -0.28 -14.71
C ASP A 207 -19.69 0.89 -15.19
N VAL A 208 -18.46 0.61 -15.64
CA VAL A 208 -17.60 1.68 -16.13
C VAL A 208 -18.30 2.46 -17.23
N GLU A 209 -18.88 1.73 -18.18
CA GLU A 209 -19.61 2.38 -19.27
C GLU A 209 -20.63 3.37 -18.71
N ASN A 210 -21.45 2.90 -17.76
CA ASN A 210 -22.48 3.77 -17.20
C ASN A 210 -21.87 5.02 -16.61
N THR A 211 -20.77 4.87 -15.87
CA THR A 211 -20.14 6.02 -15.23
C THR A 211 -19.74 7.06 -16.28
N PHE A 212 -19.19 6.59 -17.41
CA PHE A 212 -18.76 7.53 -18.44
C PHE A 212 -19.93 8.36 -18.95
N LYS A 213 -21.14 7.77 -18.97
CA LYS A 213 -22.29 8.48 -19.49
C LYS A 213 -22.68 9.66 -18.60
N GLU A 214 -22.16 9.76 -17.39
CA GLU A 214 -22.41 10.92 -16.55
C GLU A 214 -21.21 11.85 -16.45
N ILE A 215 -20.12 11.57 -17.18
CA ILE A 215 -18.94 12.42 -17.15
C ILE A 215 -18.91 13.24 -18.43
N LYS A 216 -19.51 12.71 -19.48
CA LYS A 216 -19.52 13.40 -20.77
C LYS A 216 -20.15 14.80 -20.73
N PRO A 217 -21.28 15.04 -20.07
CA PRO A 217 -21.85 16.40 -20.09
C PRO A 217 -20.92 17.47 -19.56
N LEU A 218 -20.11 17.16 -18.55
CA LEU A 218 -19.17 18.15 -18.01
C LEU A 218 -17.94 18.28 -18.88
N TYR A 219 -17.34 17.14 -19.26
CA TYR A 219 -16.07 17.14 -19.98
C TYR A 219 -16.18 17.95 -21.27
N GLU A 220 -17.26 17.75 -22.02
CA GLU A 220 -17.46 18.50 -23.26
C GLU A 220 -17.34 19.99 -23.03
N GLN A 221 -17.93 20.49 -21.94
CA GLN A 221 -17.86 21.92 -21.64
C GLN A 221 -16.41 22.36 -21.52
N LEU A 222 -15.60 21.59 -20.79
CA LEU A 222 -14.18 21.91 -20.69
C LEU A 222 -13.54 21.92 -22.07
N HIS A 223 -13.89 20.94 -22.90
CA HIS A 223 -13.34 20.89 -24.25
C HIS A 223 -13.63 22.17 -25.02
N ALA A 224 -14.73 22.84 -24.72
CA ALA A 224 -15.01 24.12 -25.36
C ALA A 224 -14.06 25.20 -24.85
N TYR A 225 -13.93 25.30 -23.53
CA TYR A 225 -13.22 26.45 -22.95
C TYR A 225 -11.75 26.46 -23.36
N VAL A 226 -11.12 25.29 -23.38
CA VAL A 226 -9.75 25.21 -23.88
C VAL A 226 -9.69 25.60 -25.36
N ARG A 227 -10.63 25.08 -26.16
CA ARG A 227 -10.53 25.20 -27.61
C ARG A 227 -10.45 26.66 -28.04
N THR A 228 -11.41 27.46 -27.59
CA THR A 228 -11.39 28.89 -27.91
C THR A 228 -10.07 29.52 -27.47
N LYS A 229 -9.63 29.20 -26.25
CA LYS A 229 -8.35 29.72 -25.79
C LYS A 229 -7.21 29.24 -26.67
N LEU A 230 -7.26 27.99 -27.10
CA LEU A 230 -6.20 27.48 -27.98
C LEU A 230 -6.25 28.11 -29.35
N MET A 231 -7.35 28.78 -29.70
CA MET A 231 -7.38 29.53 -30.95
C MET A 231 -6.69 30.89 -30.82
N GLU A 232 -6.44 31.35 -29.60
CA GLU A 232 -5.74 32.62 -29.42
C GLU A 232 -4.26 32.47 -29.74
N VAL A 233 -3.64 31.38 -29.28
CA VAL A 233 -2.22 31.16 -29.54
C VAL A 233 -2.00 30.71 -30.98
N TYR A 234 -2.81 29.76 -31.44
CA TYR A 234 -2.69 29.25 -32.80
C TYR A 234 -3.92 29.64 -33.59
N PRO A 235 -3.89 30.76 -34.32
CA PRO A 235 -5.09 31.26 -34.99
C PRO A 235 -5.56 30.40 -36.15
N SER A 236 -4.66 30.06 -37.06
CA SER A 236 -5.04 29.47 -38.34
C SER A 236 -5.42 27.99 -38.22
N TYR A 237 -4.80 27.26 -37.30
CA TYR A 237 -4.89 25.80 -37.34
C TYR A 237 -6.20 25.29 -36.75
N ILE A 238 -6.46 25.57 -35.47
CA ILE A 238 -7.62 24.98 -34.80
C ILE A 238 -8.89 25.63 -35.30
N SER A 239 -9.90 24.80 -35.65
CA SER A 239 -11.16 25.26 -36.17
C SER A 239 -12.24 25.22 -35.10
N PRO A 240 -13.16 26.19 -35.09
CA PRO A 240 -14.20 26.20 -34.05
C PRO A 240 -15.03 24.93 -33.96
N THR A 241 -15.34 24.31 -35.10
CA THR A 241 -16.26 23.18 -35.14
C THR A 241 -15.57 21.83 -35.20
N GLY A 242 -14.28 21.76 -34.89
CA GLY A 242 -13.53 20.54 -34.98
C GLY A 242 -12.94 20.09 -33.64
N CYS A 243 -12.09 19.07 -33.73
CA CYS A 243 -11.45 18.49 -32.56
C CYS A 243 -10.15 19.23 -32.27
N LEU A 244 -9.32 18.67 -31.39
CA LEU A 244 -8.07 19.31 -31.04
C LEU A 244 -6.88 18.50 -31.55
N PRO A 245 -5.82 19.16 -32.01
CA PRO A 245 -4.63 18.43 -32.45
C PRO A 245 -3.98 17.66 -31.30
N ALA A 246 -3.33 16.55 -31.65
CA ALA A 246 -2.79 15.64 -30.64
C ALA A 246 -1.62 16.26 -29.88
N HIS A 247 -0.79 17.06 -30.55
CA HIS A 247 0.42 17.59 -29.94
C HIS A 247 0.23 18.96 -29.32
N LEU A 248 -0.99 19.50 -29.32
CA LEU A 248 -1.27 20.80 -28.73
C LEU A 248 -1.93 20.71 -27.36
N LEU A 249 -1.97 19.52 -26.77
CA LEU A 249 -2.65 19.33 -25.50
C LEU A 249 -1.75 19.60 -24.29
N GLY A 250 -0.46 19.83 -24.50
CA GLY A 250 0.45 20.14 -23.42
C GLY A 250 1.23 18.98 -22.86
N ASP A 251 1.20 17.82 -23.49
CA ASP A 251 1.93 16.66 -23.00
C ASP A 251 2.27 15.76 -24.18
N MET A 252 3.20 14.84 -23.96
CA MET A 252 3.65 13.96 -25.03
C MET A 252 2.53 13.07 -25.54
N TRP A 253 1.73 12.51 -24.63
CA TRP A 253 0.61 11.66 -24.99
C TRP A 253 -0.74 12.32 -24.75
N GLY A 254 -0.77 13.53 -24.21
CA GLY A 254 -2.04 14.18 -23.91
C GLY A 254 -2.79 13.60 -22.75
N ARG A 255 -2.10 12.89 -21.85
CA ARG A 255 -2.77 12.26 -20.71
C ARG A 255 -3.32 13.32 -19.75
N PHE A 256 -2.49 14.28 -19.37
CA PHE A 256 -2.88 15.35 -18.47
C PHE A 256 -2.97 16.67 -19.23
N TRP A 257 -3.77 17.59 -18.68
CA TRP A 257 -3.96 18.90 -19.26
C TRP A 257 -3.53 20.01 -18.31
N THR A 258 -2.65 19.71 -17.36
CA THR A 258 -2.22 20.69 -16.37
C THR A 258 -1.44 21.83 -17.02
N ASN A 259 -0.54 21.49 -17.95
CA ASN A 259 0.36 22.49 -18.53
C ASN A 259 -0.36 23.53 -19.36
N LEU A 260 -1.64 23.31 -19.68
CA LEU A 260 -2.42 24.33 -20.37
C LEU A 260 -2.86 25.46 -19.46
N TYR A 261 -2.59 25.37 -18.15
CA TYR A 261 -3.06 26.38 -17.22
C TYR A 261 -2.56 27.79 -17.53
N PRO A 262 -1.25 28.01 -17.79
CA PRO A 262 -0.80 29.39 -18.04
C PRO A 262 -1.44 30.04 -19.26
N LEU A 263 -1.97 29.25 -20.19
CA LEU A 263 -2.59 29.79 -21.39
C LEU A 263 -4.10 29.93 -21.27
N THR A 264 -4.74 29.19 -20.37
CA THR A 264 -6.19 29.18 -20.23
C THR A 264 -6.65 29.64 -18.86
N THR A 265 -5.84 30.40 -18.14
CA THR A 265 -6.24 30.87 -16.82
C THR A 265 -7.29 31.98 -16.96
N PRO A 266 -8.39 31.90 -16.22
CA PRO A 266 -9.50 32.86 -16.41
C PRO A 266 -9.14 34.29 -16.02
N PHE A 267 -8.66 34.47 -14.80
CA PHE A 267 -8.40 35.80 -14.23
C PHE A 267 -6.91 35.96 -13.99
N LEU A 268 -6.34 37.02 -14.57
CA LEU A 268 -4.92 37.32 -14.43
C LEU A 268 -4.62 38.35 -13.35
N GLN A 269 -5.65 38.88 -12.69
CA GLN A 269 -5.44 39.99 -11.75
C GLN A 269 -4.74 39.51 -10.48
N LYS A 270 -5.19 38.40 -9.90
CA LYS A 270 -4.64 37.91 -8.65
C LYS A 270 -4.15 36.48 -8.81
N PRO A 271 -2.99 36.15 -8.25
CA PRO A 271 -2.46 34.78 -8.38
C PRO A 271 -3.22 33.81 -7.48
N ASN A 272 -2.74 32.57 -7.45
CA ASN A 272 -3.32 31.53 -6.62
C ASN A 272 -2.81 31.68 -5.19
N ILE A 273 -3.06 30.68 -4.36
CA ILE A 273 -2.66 30.68 -2.96
C ILE A 273 -1.39 29.87 -2.81
N ASP A 274 -0.33 30.52 -2.35
CA ASP A 274 0.96 29.86 -2.10
C ASP A 274 1.50 30.38 -0.77
N VAL A 275 1.63 29.50 0.21
CA VAL A 275 2.05 29.89 1.55
C VAL A 275 3.53 29.59 1.76
N THR A 276 4.27 29.44 0.66
CA THR A 276 5.70 29.19 0.78
C THR A 276 6.43 30.38 1.40
N ASP A 277 6.00 31.60 1.05
CA ASP A 277 6.61 32.79 1.64
C ASP A 277 6.39 32.83 3.15
N ALA A 278 5.21 32.41 3.60
CA ALA A 278 4.96 32.36 5.04
C ALA A 278 5.90 31.37 5.73
N MET A 279 6.11 30.20 5.11
CA MET A 279 7.03 29.23 5.68
C MET A 279 8.46 29.77 5.72
N VAL A 280 8.88 30.47 4.66
CA VAL A 280 10.23 31.03 4.62
C VAL A 280 10.40 32.09 5.70
N ASN A 281 9.40 32.97 5.85
CA ASN A 281 9.49 34.03 6.84
C ASN A 281 9.45 33.47 8.26
N GLN A 282 8.63 32.44 8.50
CA GLN A 282 8.46 31.89 9.83
C GLN A 282 9.56 30.91 10.24
N SER A 283 10.52 30.64 9.35
CA SER A 283 11.65 29.76 9.63
C SER A 283 11.17 28.36 10.00
N TRP A 284 10.53 27.72 9.01
CA TRP A 284 10.07 26.35 9.14
C TRP A 284 11.18 25.36 8.79
N ASP A 285 11.03 24.14 9.31
CA ASP A 285 12.00 23.08 9.12
C ASP A 285 11.30 21.85 8.55
N ALA A 286 12.10 20.92 8.03
CA ALA A 286 11.54 19.71 7.44
C ALA A 286 10.77 18.90 8.48
N GLU A 287 11.28 18.81 9.70
CA GLU A 287 10.60 18.06 10.75
C GLU A 287 9.26 18.71 11.12
N ARG A 288 9.16 20.02 10.98
CA ARG A 288 7.94 20.73 11.36
C ARG A 288 6.76 20.33 10.46
N ILE A 289 7.02 20.12 9.17
CA ILE A 289 5.96 19.71 8.26
C ILE A 289 5.38 18.37 8.68
N PHE A 290 6.24 17.40 8.98
CA PHE A 290 5.77 16.09 9.40
C PHE A 290 5.10 16.14 10.77
N LYS A 291 5.59 17.01 11.66
CA LYS A 291 4.93 17.17 12.95
C LYS A 291 3.51 17.72 12.78
N GLU A 292 3.35 18.72 11.91
CA GLU A 292 2.02 19.26 11.65
C GLU A 292 1.10 18.21 11.01
N ALA A 293 1.64 17.42 10.08
CA ALA A 293 0.83 16.36 9.48
C ALA A 293 0.40 15.34 10.53
N GLU A 294 1.31 14.94 11.42
CA GLU A 294 0.96 14.02 12.49
C GLU A 294 -0.08 14.61 13.41
N LYS A 295 0.03 15.91 13.71
CA LYS A 295 -0.98 16.57 14.55
C LYS A 295 -2.35 16.54 13.88
N PHE A 296 -2.39 16.81 12.57
CA PHE A 296 -3.64 16.73 11.83
C PHE A 296 -4.23 15.32 11.89
N PHE A 297 -3.38 14.31 11.71
CA PHE A 297 -3.85 12.93 11.74
C PHE A 297 -4.36 12.54 13.12
N VAL A 298 -3.70 13.02 14.17
CA VAL A 298 -4.15 12.74 15.53
C VAL A 298 -5.46 13.46 15.84
N SER A 299 -5.67 14.63 15.23
CA SER A 299 -6.85 15.44 15.54
C SER A 299 -8.14 14.70 15.24
N VAL A 300 -8.11 13.71 14.34
CA VAL A 300 -9.31 12.93 14.02
C VAL A 300 -9.37 11.61 14.77
N GLY A 301 -8.38 11.32 15.62
CA GLY A 301 -8.41 10.14 16.46
C GLY A 301 -7.61 8.95 15.98
N LEU A 302 -6.85 9.09 14.90
CA LEU A 302 -6.04 7.99 14.41
C LEU A 302 -4.78 7.84 15.26
N PRO A 303 -4.22 6.63 15.33
CA PRO A 303 -3.02 6.41 16.14
C PRO A 303 -1.83 7.22 15.63
N GLN A 304 -0.95 7.59 16.55
CA GLN A 304 0.23 8.37 16.23
C GLN A 304 1.36 7.47 15.72
N MET A 305 2.42 8.11 15.25
CA MET A 305 3.55 7.38 14.68
C MET A 305 4.30 6.59 15.74
N THR A 306 4.91 5.50 15.30
CA THR A 306 5.72 4.67 16.17
C THR A 306 7.01 5.40 16.55
N PRO A 307 7.65 4.98 17.66
CA PRO A 307 8.89 5.66 18.08
C PRO A 307 10.11 5.23 17.27
N GLY A 308 9.90 4.40 16.25
CA GLY A 308 10.97 4.04 15.34
C GLY A 308 10.86 4.79 14.03
N PHE A 309 9.69 5.41 13.83
CA PHE A 309 9.45 6.17 12.60
C PHE A 309 10.43 7.32 12.45
N TRP A 310 10.68 8.06 13.53
CA TRP A 310 11.60 9.19 13.46
C TRP A 310 13.06 8.73 13.43
N THR A 311 13.38 7.67 14.15
CA THR A 311 14.77 7.23 14.26
C THR A 311 15.26 6.55 12.98
N ASN A 312 14.42 5.72 12.35
CA ASN A 312 14.87 4.90 11.23
C ASN A 312 14.64 5.57 9.88
N SER A 313 13.46 6.14 9.66
CA SER A 313 13.13 6.69 8.36
C SER A 313 13.90 7.99 8.10
N MET A 314 14.30 8.17 6.84
CA MET A 314 14.99 9.38 6.42
C MET A 314 13.98 10.35 5.81
N LEU A 315 14.02 11.60 6.27
CA LEU A 315 13.10 12.62 5.80
C LEU A 315 13.79 13.80 5.16
N THR A 316 15.12 13.79 5.03
CA THR A 316 15.85 14.90 4.46
C THR A 316 16.98 14.35 3.61
N GLU A 317 17.32 15.08 2.55
CA GLU A 317 18.43 14.67 1.69
C GLU A 317 19.72 14.64 2.50
N PRO A 318 20.54 13.60 2.34
CA PRO A 318 21.76 13.52 3.16
C PRO A 318 22.70 14.70 3.01
N GLY A 319 22.80 15.27 1.80
CA GLY A 319 23.63 16.44 1.61
C GLY A 319 25.12 16.19 1.74
N ASP A 320 25.58 14.97 1.51
CA ASP A 320 26.98 14.61 1.62
C ASP A 320 27.27 13.51 0.61
N ASP A 321 28.38 12.79 0.81
CA ASP A 321 28.82 11.78 -0.13
C ASP A 321 27.96 10.51 -0.10
N ARG A 322 26.66 10.67 -0.30
CA ARG A 322 25.73 9.56 -0.38
C ARG A 322 24.85 9.73 -1.61
N LYS A 323 24.49 8.62 -2.25
CA LYS A 323 23.70 8.63 -3.47
C LYS A 323 22.35 7.99 -3.18
N VAL A 324 21.28 8.75 -3.43
CA VAL A 324 19.91 8.31 -3.21
C VAL A 324 19.07 8.71 -4.41
N VAL A 325 18.31 7.77 -4.96
CA VAL A 325 17.34 8.11 -5.99
C VAL A 325 16.16 8.81 -5.33
N CYS A 326 15.79 9.97 -5.86
CA CYS A 326 14.79 10.83 -5.21
C CYS A 326 13.41 10.47 -5.71
N HIS A 327 12.58 9.95 -4.81
CA HIS A 327 11.18 9.66 -5.06
C HIS A 327 10.46 9.45 -3.73
N PRO A 328 9.35 10.16 -3.48
CA PRO A 328 8.61 9.95 -2.22
C PRO A 328 7.98 8.57 -2.19
N THR A 329 8.23 7.84 -1.11
CA THR A 329 7.73 6.48 -0.98
C THR A 329 7.42 6.18 0.48
N ALA A 330 6.47 5.29 0.70
CA ALA A 330 6.13 4.79 2.02
C ALA A 330 6.43 3.29 2.06
N TRP A 331 7.22 2.87 3.05
CA TRP A 331 7.66 1.49 3.15
C TRP A 331 7.05 0.85 4.38
N ASP A 332 6.44 -0.33 4.19
CA ASP A 332 5.93 -1.17 5.25
C ASP A 332 6.77 -2.44 5.22
N LEU A 333 7.92 -2.41 5.90
CA LEU A 333 8.89 -3.49 5.79
C LEU A 333 8.45 -4.76 6.50
N GLY A 334 7.37 -4.71 7.28
CA GLY A 334 6.91 -5.84 8.04
C GLY A 334 7.47 -5.86 9.45
N HIS A 335 6.91 -6.77 10.26
CA HIS A 335 7.30 -6.92 11.67
C HIS A 335 7.17 -5.61 12.43
N GLY A 336 6.13 -4.84 12.10
CA GLY A 336 5.84 -3.60 12.78
C GLY A 336 6.87 -2.50 12.59
N ASP A 337 7.36 -2.32 11.37
CA ASP A 337 8.29 -1.24 11.05
C ASP A 337 7.75 -0.46 9.86
N PHE A 338 7.72 0.86 9.99
CA PHE A 338 7.15 1.73 8.96
C PHE A 338 8.08 2.89 8.72
N ARG A 339 8.23 3.29 7.45
CA ARG A 339 9.16 4.34 7.08
C ARG A 339 8.59 5.17 5.93
N ILE A 340 9.10 6.39 5.80
CA ILE A 340 8.81 7.24 4.65
C ILE A 340 10.13 7.82 4.14
N LYS A 341 10.33 7.76 2.84
CA LYS A 341 11.52 8.32 2.19
C LYS A 341 11.09 9.48 1.30
N MET A 342 11.72 10.64 1.50
CA MET A 342 11.32 11.85 0.80
C MET A 342 12.43 12.89 0.80
N CYS A 343 12.66 13.52 -0.35
CA CYS A 343 13.59 14.65 -0.45
C CYS A 343 12.85 15.93 -0.06
N THR A 344 12.62 16.07 1.25
CA THR A 344 11.79 17.17 1.74
C THR A 344 12.44 18.51 1.47
N LYS A 345 11.64 19.43 0.93
CA LYS A 345 12.02 20.82 0.73
C LYS A 345 10.91 21.71 1.26
N VAL A 346 11.26 22.96 1.56
CA VAL A 346 10.28 23.88 2.10
C VAL A 346 9.41 24.45 0.98
N THR A 347 8.31 23.76 0.68
CA THR A 347 7.39 24.15 -0.38
C THR A 347 6.10 23.37 -0.16
N MET A 348 4.99 23.99 -0.56
CA MET A 348 3.66 23.42 -0.27
C MET A 348 3.50 22.04 -0.89
N ASP A 349 4.11 21.80 -2.05
CA ASP A 349 3.98 20.50 -2.71
C ASP A 349 4.52 19.38 -1.84
N ASN A 350 5.67 19.62 -1.19
CA ASN A 350 6.21 18.61 -0.27
C ASN A 350 5.31 18.42 0.94
N PHE A 351 4.65 19.48 1.39
CA PHE A 351 3.71 19.36 2.51
C PHE A 351 2.56 18.42 2.15
N LEU A 352 1.97 18.63 0.97
CA LEU A 352 0.88 17.76 0.52
C LEU A 352 1.37 16.33 0.28
N THR A 353 2.57 16.19 -0.28
CA THR A 353 3.13 14.86 -0.50
C THR A 353 3.36 14.13 0.81
N ALA A 354 3.81 14.85 1.84
CA ALA A 354 3.95 14.26 3.17
C ALA A 354 2.61 13.82 3.73
N HIS A 355 1.56 14.62 3.52
CA HIS A 355 0.23 14.18 3.92
C HIS A 355 -0.17 12.88 3.23
N HIS A 356 0.08 12.80 1.92
CA HIS A 356 -0.25 11.59 1.16
C HIS A 356 0.49 10.38 1.71
N GLU A 357 1.80 10.53 1.94
CA GLU A 357 2.60 9.39 2.40
C GLU A 357 2.21 8.99 3.81
N MET A 358 1.87 9.95 4.66
CA MET A 358 1.42 9.63 6.01
C MET A 358 0.08 8.91 5.98
N GLY A 359 -0.80 9.26 5.05
CA GLY A 359 -2.02 8.49 4.88
C GLY A 359 -1.74 7.06 4.48
N HIS A 360 -0.80 6.85 3.56
CA HIS A 360 -0.38 5.50 3.22
C HIS A 360 0.10 4.73 4.45
N ILE A 361 0.94 5.37 5.26
CA ILE A 361 1.49 4.71 6.45
C ILE A 361 0.38 4.39 7.44
N GLN A 362 -0.58 5.30 7.60
CA GLN A 362 -1.69 5.03 8.51
C GLN A 362 -2.51 3.83 8.05
N TYR A 363 -2.78 3.73 6.74
CA TYR A 363 -3.51 2.58 6.25
C TYR A 363 -2.72 1.28 6.48
N ASP A 364 -1.41 1.33 6.24
CA ASP A 364 -0.56 0.15 6.45
C ASP A 364 -0.57 -0.28 7.91
N MET A 365 -0.51 0.69 8.83
CA MET A 365 -0.63 0.35 10.25
C MET A 365 -2.00 -0.23 10.57
N ALA A 366 -3.04 0.31 9.93
CA ALA A 366 -4.40 -0.13 10.23
C ALA A 366 -4.62 -1.59 9.87
N TYR A 367 -4.18 -2.02 8.68
CA TYR A 367 -4.48 -3.39 8.28
C TYR A 367 -3.41 -4.39 8.72
N ALA A 368 -2.63 -4.07 9.77
CA ALA A 368 -1.48 -4.89 10.13
C ALA A 368 -1.88 -6.19 10.85
N LYS A 369 -2.97 -6.18 11.62
CA LYS A 369 -3.29 -7.33 12.46
C LYS A 369 -3.76 -8.55 11.67
N GLN A 370 -4.10 -8.39 10.39
CA GLN A 370 -4.59 -9.49 9.57
C GLN A 370 -3.45 -10.46 9.25
N PRO A 371 -3.77 -11.68 8.83
CA PRO A 371 -2.74 -12.62 8.39
C PRO A 371 -1.95 -12.09 7.20
N PHE A 372 -0.87 -12.80 6.87
CA PHE A 372 0.06 -12.31 5.86
C PHE A 372 -0.56 -12.31 4.47
N LEU A 373 -1.24 -13.40 4.10
CA LEU A 373 -1.81 -13.50 2.76
C LEU A 373 -2.98 -12.56 2.53
N LEU A 374 -3.55 -11.98 3.58
CA LEU A 374 -4.65 -11.03 3.46
C LEU A 374 -4.24 -9.65 3.95
N ARG A 375 -2.94 -9.38 4.00
CA ARG A 375 -2.41 -8.10 4.48
C ARG A 375 -2.19 -7.13 3.33
N ASN A 376 -3.24 -6.85 2.56
CA ASN A 376 -3.21 -5.93 1.44
C ASN A 376 -4.48 -5.09 1.45
N GLY A 377 -4.62 -4.21 0.45
CA GLY A 377 -5.83 -3.45 0.29
C GLY A 377 -6.94 -4.26 -0.34
N ALA A 378 -8.17 -3.74 -0.22
CA ALA A 378 -9.32 -4.43 -0.79
C ALA A 378 -9.25 -4.46 -2.32
N ASN A 379 -8.93 -3.33 -2.94
CA ASN A 379 -8.69 -3.28 -4.37
C ASN A 379 -7.49 -2.37 -4.65
N GLU A 380 -7.28 -2.03 -5.93
CA GLU A 380 -6.09 -1.28 -6.30
C GLU A 380 -6.14 0.17 -5.80
N GLY A 381 -7.28 0.82 -5.95
CA GLY A 381 -7.35 2.26 -5.76
C GLY A 381 -7.55 2.76 -4.34
N PHE A 382 -7.63 1.88 -3.35
CA PHE A 382 -7.95 2.34 -2.00
C PHE A 382 -6.81 3.14 -1.38
N HIS A 383 -5.56 2.70 -1.56
CA HIS A 383 -4.42 3.43 -1.02
C HIS A 383 -4.38 4.86 -1.54
N GLU A 384 -4.46 5.00 -2.87
CA GLU A 384 -4.33 6.31 -3.48
C GLU A 384 -5.56 7.16 -3.20
N ALA A 385 -6.73 6.52 -3.07
CA ALA A 385 -7.93 7.25 -2.68
C ALA A 385 -7.77 7.86 -1.29
N VAL A 386 -7.25 7.08 -0.34
CA VAL A 386 -7.02 7.58 1.01
C VAL A 386 -6.02 8.74 0.98
N GLY A 387 -4.92 8.55 0.25
CA GLY A 387 -3.94 9.63 0.16
C GLY A 387 -4.52 10.90 -0.42
N GLU A 388 -5.32 10.76 -1.48
CA GLU A 388 -5.89 11.93 -2.15
C GLU A 388 -6.89 12.65 -1.25
N ILE A 389 -7.71 11.90 -0.52
CA ILE A 389 -8.69 12.57 0.34
C ILE A 389 -7.98 13.26 1.50
N MET A 390 -6.91 12.66 2.03
CA MET A 390 -6.14 13.34 3.07
C MET A 390 -5.53 14.63 2.54
N SER A 391 -4.95 14.60 1.34
CA SER A 391 -4.37 15.81 0.76
C SER A 391 -5.43 16.88 0.53
N LEU A 392 -6.60 16.48 0.01
CA LEU A 392 -7.67 17.43 -0.24
C LEU A 392 -8.14 18.09 1.05
N SER A 393 -8.27 17.30 2.12
CA SER A 393 -8.64 17.87 3.41
C SER A 393 -7.56 18.81 3.93
N ALA A 394 -6.29 18.47 3.70
CA ALA A 394 -5.20 19.27 4.26
C ALA A 394 -4.95 20.56 3.51
N ALA A 395 -5.35 20.65 2.24
CA ALA A 395 -5.00 21.79 1.41
C ALA A 395 -6.01 22.93 1.45
N THR A 396 -7.04 22.84 2.28
CA THR A 396 -8.12 23.83 2.28
C THR A 396 -7.65 25.15 2.89
N PRO A 397 -8.27 26.27 2.51
CA PRO A 397 -7.86 27.57 3.06
C PRO A 397 -8.09 27.72 4.55
N LYS A 398 -9.19 27.18 5.07
CA LYS A 398 -9.48 27.34 6.49
C LYS A 398 -8.47 26.58 7.35
N HIS A 399 -7.99 25.42 6.87
CA HIS A 399 -6.92 24.72 7.57
C HIS A 399 -5.65 25.56 7.62
N LEU A 400 -5.33 26.24 6.52
CA LEU A 400 -4.17 27.11 6.49
C LEU A 400 -4.33 28.29 7.44
N LYS A 401 -5.55 28.85 7.53
CA LYS A 401 -5.82 29.90 8.50
C LYS A 401 -5.63 29.39 9.92
N SER A 402 -6.10 28.17 10.20
CA SER A 402 -5.94 27.58 11.52
C SER A 402 -4.47 27.39 11.87
N ILE A 403 -3.66 26.95 10.90
CA ILE A 403 -2.23 26.77 11.15
C ILE A 403 -1.58 28.10 11.51
N GLY A 404 -1.87 29.13 10.72
CA GLY A 404 -1.33 30.45 11.01
C GLY A 404 -0.56 31.08 9.86
N LEU A 405 -0.32 30.32 8.79
CA LEU A 405 0.41 30.85 7.65
C LEU A 405 -0.36 31.99 7.00
N LEU A 406 -1.65 31.82 6.81
CA LEU A 406 -2.49 32.87 6.26
C LEU A 406 -2.93 33.84 7.36
N PRO A 407 -3.18 35.11 7.02
CA PRO A 407 -3.62 36.05 8.05
C PRO A 407 -5.04 35.77 8.51
N SER A 408 -5.33 36.17 9.74
CA SER A 408 -6.63 35.90 10.33
C SER A 408 -7.74 36.61 9.58
N ASN A 409 -7.52 37.88 9.22
CA ASN A 409 -8.51 38.67 8.50
C ASN A 409 -8.37 38.39 7.00
N PHE A 410 -8.97 37.30 6.56
CA PHE A 410 -8.89 36.87 5.16
C PHE A 410 -10.23 37.07 4.48
N GLN A 411 -10.18 37.56 3.24
CA GLN A 411 -11.37 37.79 2.42
C GLN A 411 -11.27 36.87 1.22
N GLU A 412 -11.84 35.67 1.34
CA GLU A 412 -11.81 34.70 0.25
C GLU A 412 -12.69 35.20 -0.90
N ASP A 413 -12.15 35.13 -2.11
CA ASP A 413 -12.85 35.60 -3.29
C ASP A 413 -13.30 34.40 -4.14
N ASN A 414 -14.45 34.55 -4.79
CA ASN A 414 -14.99 33.47 -5.60
C ASN A 414 -14.11 33.17 -6.81
N GLU A 415 -13.42 34.17 -7.34
CA GLU A 415 -12.58 33.95 -8.52
C GLU A 415 -11.45 32.97 -8.22
N THR A 416 -10.87 33.06 -7.02
CA THR A 416 -9.85 32.10 -6.63
C THR A 416 -10.43 30.69 -6.56
N GLU A 417 -11.66 30.55 -6.06
CA GLU A 417 -12.31 29.25 -6.02
C GLU A 417 -12.51 28.70 -7.43
N ILE A 418 -12.93 29.56 -8.36
CA ILE A 418 -13.12 29.13 -9.75
C ILE A 418 -11.79 28.69 -10.35
N ASN A 419 -10.72 29.42 -10.07
CA ASN A 419 -9.40 29.05 -10.58
C ASN A 419 -8.96 27.69 -10.04
N PHE A 420 -9.15 27.47 -8.73
CA PHE A 420 -8.78 26.19 -8.14
C PHE A 420 -9.60 25.05 -8.73
N LEU A 421 -10.91 25.27 -8.93
CA LEU A 421 -11.75 24.25 -9.52
C LEU A 421 -11.32 23.95 -10.96
N LEU A 422 -10.94 24.98 -11.71
CA LEU A 422 -10.47 24.77 -13.07
C LEU A 422 -9.20 23.93 -13.08
N LYS A 423 -8.27 24.23 -12.17
CA LYS A 423 -7.05 23.42 -12.09
C LYS A 423 -7.37 21.97 -11.76
N GLN A 424 -8.26 21.75 -10.79
CA GLN A 424 -8.62 20.38 -10.42
C GLN A 424 -9.28 19.65 -11.59
N ALA A 425 -10.17 20.33 -12.31
CA ALA A 425 -10.82 19.72 -13.46
C ALA A 425 -9.80 19.36 -14.53
N LEU A 426 -8.88 20.27 -14.83
CA LEU A 426 -7.84 19.98 -15.81
C LEU A 426 -6.98 18.80 -15.38
N THR A 427 -6.83 18.61 -14.06
CA THR A 427 -6.05 17.46 -13.59
C THR A 427 -6.82 16.15 -13.74
N ILE A 428 -8.12 16.15 -13.45
CA ILE A 428 -8.87 14.90 -13.31
C ILE A 428 -9.69 14.55 -14.54
N VAL A 429 -10.59 15.46 -14.93
CA VAL A 429 -11.50 15.20 -16.03
C VAL A 429 -10.75 15.11 -17.36
N GLY A 430 -9.61 15.79 -17.46
CA GLY A 430 -8.80 15.65 -18.66
C GLY A 430 -8.23 14.26 -18.86
N THR A 431 -7.91 13.57 -17.76
CA THR A 431 -7.26 12.28 -17.85
C THR A 431 -8.19 11.09 -17.74
N LEU A 432 -9.42 11.28 -17.24
CA LEU A 432 -10.33 10.13 -17.12
C LEU A 432 -10.65 9.47 -18.46
N PRO A 433 -11.13 10.18 -19.49
CA PRO A 433 -11.48 9.49 -20.74
C PRO A 433 -10.30 8.83 -21.43
N PHE A 434 -9.10 9.39 -21.32
CA PHE A 434 -7.92 8.76 -21.90
C PHE A 434 -7.68 7.39 -21.29
N THR A 435 -7.77 7.31 -19.96
CA THR A 435 -7.64 6.02 -19.28
C THR A 435 -8.71 5.04 -19.72
N TYR A 436 -9.97 5.50 -19.77
CA TYR A 436 -11.05 4.63 -20.19
C TYR A 436 -10.80 4.08 -21.59
N MET A 437 -10.42 4.94 -22.52
CA MET A 437 -10.25 4.53 -23.91
C MET A 437 -9.08 3.58 -24.08
N LEU A 438 -7.95 3.85 -23.42
CA LEU A 438 -6.80 2.96 -23.53
C LEU A 438 -7.14 1.58 -22.96
N GLU A 439 -7.82 1.55 -21.81
CA GLU A 439 -8.20 0.26 -21.23
C GLU A 439 -9.14 -0.49 -22.15
N LYS A 440 -10.12 0.20 -22.74
CA LYS A 440 -11.05 -0.47 -23.64
C LYS A 440 -10.33 -1.01 -24.87
N TRP A 441 -9.39 -0.25 -25.42
CA TRP A 441 -8.65 -0.71 -26.59
C TRP A 441 -7.84 -1.97 -26.25
N ARG A 442 -7.17 -1.98 -25.11
CA ARG A 442 -6.41 -3.16 -24.72
C ARG A 442 -7.34 -4.35 -24.51
N TRP A 443 -8.47 -4.14 -23.85
CA TRP A 443 -9.42 -5.22 -23.62
C TRP A 443 -9.92 -5.81 -24.94
N MET A 444 -10.24 -4.95 -25.91
CA MET A 444 -10.69 -5.44 -27.20
C MET A 444 -9.59 -6.18 -27.94
N VAL A 445 -8.36 -5.67 -27.90
CA VAL A 445 -7.29 -6.32 -28.67
C VAL A 445 -6.91 -7.66 -28.06
N PHE A 446 -7.02 -7.81 -26.74
CA PHE A 446 -6.66 -9.10 -26.14
C PHE A 446 -7.69 -10.18 -26.42
N GLN A 447 -8.95 -9.81 -26.63
CA GLN A 447 -10.03 -10.78 -26.80
C GLN A 447 -10.14 -11.33 -28.22
N ASP A 448 -9.10 -11.15 -29.04
CA ASP A 448 -9.11 -11.64 -30.42
C ASP A 448 -10.32 -11.11 -31.19
N LYS A 449 -10.65 -9.85 -30.97
CA LYS A 449 -11.76 -9.18 -31.63
C LYS A 449 -11.31 -8.23 -32.72
N ILE A 450 -10.43 -7.30 -32.41
CA ILE A 450 -9.89 -6.38 -33.42
C ILE A 450 -8.90 -7.14 -34.30
N PRO A 451 -9.03 -7.09 -35.62
CA PRO A 451 -8.12 -7.87 -36.48
C PRO A 451 -6.70 -7.34 -36.41
N ARG A 452 -5.76 -8.21 -36.77
CA ARG A 452 -4.33 -7.91 -36.70
C ARG A 452 -3.93 -6.77 -37.63
N GLU A 453 -4.72 -6.47 -38.66
CA GLU A 453 -4.34 -5.48 -39.66
C GLU A 453 -5.11 -4.17 -39.55
N GLN A 454 -5.98 -4.02 -38.55
CA GLN A 454 -6.73 -2.79 -38.34
C GLN A 454 -6.56 -2.26 -36.91
N TRP A 455 -5.33 -2.25 -36.41
CA TRP A 455 -5.08 -1.78 -35.05
C TRP A 455 -5.12 -0.26 -34.98
N THR A 456 -4.22 0.40 -35.71
CA THR A 456 -4.05 1.84 -35.59
C THR A 456 -5.27 2.60 -36.09
N LYS A 457 -5.90 2.10 -37.16
CA LYS A 457 -7.09 2.77 -37.68
C LYS A 457 -8.21 2.78 -36.65
N LYS A 458 -8.45 1.64 -36.00
CA LYS A 458 -9.47 1.59 -34.95
C LYS A 458 -9.07 2.44 -33.75
N TRP A 459 -7.78 2.45 -33.42
CA TRP A 459 -7.30 3.26 -32.29
C TRP A 459 -7.62 4.73 -32.53
N TRP A 460 -7.26 5.25 -33.71
CA TRP A 460 -7.53 6.66 -33.98
C TRP A 460 -9.02 6.93 -34.20
N GLU A 461 -9.78 5.95 -34.70
CA GLU A 461 -11.22 6.14 -34.81
C GLU A 461 -11.86 6.33 -33.44
N MET A 462 -11.48 5.49 -32.49
CA MET A 462 -11.98 5.65 -31.13
C MET A 462 -11.47 6.96 -30.50
N LYS A 463 -10.22 7.32 -30.76
CA LYS A 463 -9.69 8.56 -30.20
C LYS A 463 -10.45 9.77 -30.73
N ARG A 464 -10.84 9.72 -32.01
CA ARG A 464 -11.64 10.80 -32.59
C ARG A 464 -13.09 10.76 -32.12
N GLU A 465 -13.59 9.59 -31.77
CA GLU A 465 -15.00 9.45 -31.36
C GLU A 465 -15.23 9.81 -29.90
N ILE A 466 -14.39 9.32 -28.99
CA ILE A 466 -14.67 9.44 -27.56
C ILE A 466 -14.04 10.71 -27.00
N VAL A 467 -12.70 10.80 -27.03
CA VAL A 467 -12.03 11.95 -26.44
C VAL A 467 -12.18 13.17 -27.34
N GLY A 468 -11.98 12.99 -28.64
CA GLY A 468 -12.03 14.10 -29.57
C GLY A 468 -10.66 14.66 -29.90
N VAL A 469 -9.72 13.79 -30.24
CA VAL A 469 -8.38 14.17 -30.65
C VAL A 469 -8.14 13.65 -32.05
N VAL A 470 -7.69 14.53 -32.94
CA VAL A 470 -7.51 14.22 -34.35
C VAL A 470 -6.02 14.20 -34.67
N GLU A 471 -5.60 13.22 -35.47
CA GLU A 471 -4.19 13.10 -35.81
C GLU A 471 -3.78 14.22 -36.76
N PRO A 472 -2.63 14.85 -36.54
CA PRO A 472 -2.17 15.90 -37.46
C PRO A 472 -1.56 15.31 -38.74
N LEU A 473 -1.01 14.11 -38.65
CA LEU A 473 -0.40 13.43 -39.77
C LEU A 473 -1.00 12.04 -39.90
N PRO A 474 -1.03 11.48 -41.11
CA PRO A 474 -1.59 10.14 -41.28
C PRO A 474 -0.55 9.06 -40.98
N HIS A 475 -1.00 8.00 -40.32
CA HIS A 475 -0.14 6.91 -39.89
C HIS A 475 -0.49 5.64 -40.65
N ASP A 476 0.51 5.02 -41.26
CA ASP A 476 0.33 3.75 -41.93
C ASP A 476 0.21 2.65 -40.86
N GLU A 477 -0.26 1.48 -41.26
CA GLU A 477 -0.50 0.38 -40.33
C GLU A 477 0.79 -0.14 -39.70
N THR A 478 1.95 0.22 -40.22
CA THR A 478 3.21 -0.23 -39.62
C THR A 478 3.45 0.42 -38.27
N TYR A 479 2.94 1.62 -38.06
CA TYR A 479 3.10 2.31 -36.79
C TYR A 479 2.40 1.56 -35.66
N CYS A 480 2.84 1.83 -34.43
CA CYS A 480 2.18 1.30 -33.22
C CYS A 480 2.11 2.44 -32.22
N ASP A 481 1.03 3.21 -32.27
CA ASP A 481 0.87 4.35 -31.38
C ASP A 481 0.71 3.97 -29.91
N PRO A 482 -0.11 2.99 -29.52
CA PRO A 482 -0.29 2.72 -28.09
C PRO A 482 0.97 2.27 -27.38
N ALA A 483 1.98 1.78 -28.10
CA ALA A 483 3.20 1.31 -27.47
C ALA A 483 4.05 2.45 -26.90
N SER A 484 3.71 3.70 -27.19
CA SER A 484 4.51 4.84 -26.74
C SER A 484 4.34 5.13 -25.25
N LEU A 485 3.41 4.48 -24.57
CA LEU A 485 3.16 4.74 -23.16
C LEU A 485 3.92 3.74 -22.30
N PHE A 486 4.31 4.20 -21.10
CA PHE A 486 5.09 3.36 -20.20
C PHE A 486 4.33 2.11 -19.78
N HIS A 487 3.06 2.26 -19.43
CA HIS A 487 2.29 1.13 -18.92
C HIS A 487 2.08 0.06 -19.99
N VAL A 488 1.80 0.47 -21.23
CA VAL A 488 1.58 -0.49 -22.31
C VAL A 488 2.85 -1.26 -22.59
N SER A 489 3.99 -0.57 -22.63
CA SER A 489 5.25 -1.22 -22.97
C SER A 489 5.81 -2.06 -21.82
N ASN A 490 5.48 -1.71 -20.58
CA ASN A 490 6.04 -2.39 -19.41
C ASN A 490 5.04 -3.31 -18.72
N ASP A 491 3.89 -3.55 -19.34
CA ASP A 491 2.90 -4.52 -18.85
C ASP A 491 2.40 -4.16 -17.45
N TYR A 492 1.70 -3.01 -17.38
CA TYR A 492 0.99 -2.59 -16.19
C TYR A 492 -0.48 -2.34 -16.52
N SER A 493 -1.34 -2.54 -15.53
CA SER A 493 -2.74 -2.23 -15.67
C SER A 493 -2.96 -0.72 -15.59
N PHE A 494 -4.15 -0.28 -16.01
CA PHE A 494 -4.41 1.15 -16.16
C PHE A 494 -5.76 1.61 -15.61
N ILE A 495 -6.68 0.70 -15.27
CA ILE A 495 -8.01 1.11 -14.81
C ILE A 495 -8.03 1.49 -13.33
N ARG A 496 -6.94 1.20 -12.61
CA ARG A 496 -6.89 1.56 -11.20
C ARG A 496 -7.02 3.05 -10.99
N TYR A 497 -6.49 3.86 -11.91
CA TYR A 497 -6.63 5.31 -11.80
C TYR A 497 -8.10 5.74 -11.89
N TYR A 498 -8.84 5.15 -12.84
CA TYR A 498 -10.27 5.46 -12.97
C TYR A 498 -11.02 5.06 -11.70
N THR A 499 -10.74 3.87 -11.17
CA THR A 499 -11.44 3.43 -9.97
C THR A 499 -11.11 4.32 -8.78
N ARG A 500 -9.84 4.71 -8.63
CA ARG A 500 -9.46 5.57 -7.52
C ARG A 500 -10.09 6.95 -7.64
N THR A 501 -10.18 7.48 -8.86
CA THR A 501 -10.82 8.78 -9.06
C THR A 501 -12.29 8.72 -8.68
N ILE A 502 -12.96 7.63 -9.04
CA ILE A 502 -14.37 7.49 -8.65
C ILE A 502 -14.49 7.36 -7.13
N TYR A 503 -13.60 6.59 -6.49
CA TYR A 503 -13.76 6.28 -5.08
C TYR A 503 -13.45 7.48 -4.18
N GLN A 504 -12.47 8.30 -4.57
CA GLN A 504 -12.00 9.33 -3.65
C GLN A 504 -13.07 10.37 -3.34
N PHE A 505 -13.89 10.74 -4.33
CA PHE A 505 -14.92 11.74 -4.09
C PHE A 505 -16.08 11.19 -3.25
N GLN A 506 -16.42 9.92 -3.44
CA GLN A 506 -17.38 9.28 -2.54
C GLN A 506 -16.87 9.29 -1.10
N PHE A 507 -15.60 8.94 -0.92
CA PHE A 507 -15.04 8.97 0.44
C PHE A 507 -15.07 10.38 1.01
N GLN A 508 -14.72 11.37 0.21
CA GLN A 508 -14.71 12.76 0.69
C GLN A 508 -16.10 13.20 1.10
N GLU A 509 -17.12 12.90 0.27
CA GLU A 509 -18.48 13.30 0.61
C GLU A 509 -18.97 12.62 1.87
N ALA A 510 -18.65 11.32 2.03
CA ALA A 510 -19.06 10.61 3.24
C ALA A 510 -18.42 11.22 4.48
N LEU A 511 -17.10 11.47 4.43
CA LEU A 511 -16.43 12.04 5.59
C LEU A 511 -16.90 13.45 5.88
N CYS A 512 -17.29 14.20 4.83
CA CYS A 512 -17.76 15.55 5.04
C CYS A 512 -19.15 15.57 5.67
N GLN A 513 -20.07 14.73 5.18
CA GLN A 513 -21.40 14.69 5.78
C GLN A 513 -21.34 14.12 7.19
N ALA A 514 -20.35 13.28 7.48
CA ALA A 514 -20.15 12.81 8.85
C ALA A 514 -19.47 13.85 9.73
N ALA A 515 -18.96 14.94 9.15
CA ALA A 515 -18.25 15.97 9.90
C ALA A 515 -19.10 17.20 10.17
N LYS A 516 -20.40 17.15 9.88
CA LYS A 516 -21.34 18.24 10.15
C LYS A 516 -20.89 19.53 9.46
N HIS A 517 -20.93 19.48 8.13
CA HIS A 517 -20.55 20.62 7.31
C HIS A 517 -21.68 20.98 6.34
N ASP A 518 -21.83 22.27 6.09
CA ASP A 518 -22.78 22.78 5.12
C ASP A 518 -22.09 23.79 4.20
N GLY A 519 -22.66 23.95 3.01
CA GLY A 519 -22.13 24.87 2.03
C GLY A 519 -21.40 24.16 0.91
N PRO A 520 -20.50 24.87 0.23
CA PRO A 520 -19.74 24.27 -0.87
C PRO A 520 -18.87 23.11 -0.37
N LEU A 521 -18.70 22.12 -1.24
CA LEU A 521 -17.98 20.90 -0.88
C LEU A 521 -16.47 21.02 -1.01
N HIS A 522 -15.96 22.06 -1.67
CA HIS A 522 -14.51 22.20 -1.82
C HIS A 522 -13.88 22.99 -0.70
N LYS A 523 -14.65 23.38 0.32
CA LYS A 523 -14.12 24.05 1.51
C LYS A 523 -14.26 23.19 2.75
N CYS A 524 -14.40 21.87 2.59
CA CYS A 524 -14.68 20.98 3.70
C CYS A 524 -13.39 20.44 4.31
N ASP A 525 -13.42 20.24 5.63
CA ASP A 525 -12.32 19.62 6.36
C ASP A 525 -12.85 18.51 7.25
N ILE A 526 -12.12 17.40 7.30
CA ILE A 526 -12.45 16.31 8.22
C ILE A 526 -11.79 16.49 9.57
N SER A 527 -10.96 17.52 9.74
CA SER A 527 -10.27 17.74 11.00
C SER A 527 -11.24 18.08 12.12
N ASN A 528 -10.84 17.77 13.35
CA ASN A 528 -11.65 18.00 14.54
C ASN A 528 -12.99 17.27 14.45
N SER A 529 -12.91 15.98 14.10
CA SER A 529 -14.10 15.15 13.96
C SER A 529 -13.71 13.70 14.25
N THR A 530 -14.02 13.24 15.46
CA THR A 530 -13.73 11.85 15.81
C THR A 530 -14.65 10.88 15.07
N GLU A 531 -15.84 11.32 14.70
CA GLU A 531 -16.77 10.46 13.97
C GLU A 531 -16.21 10.05 12.62
N ALA A 532 -15.61 11.01 11.90
CA ALA A 532 -15.02 10.70 10.60
C ALA A 532 -13.85 9.73 10.76
N GLY A 533 -13.02 9.93 11.77
CA GLY A 533 -11.91 9.01 12.01
C GLY A 533 -12.39 7.61 12.33
N GLN A 534 -13.43 7.50 13.16
CA GLN A 534 -13.98 6.18 13.47
C GLN A 534 -14.56 5.52 12.23
N LYS A 535 -15.29 6.28 11.41
CA LYS A 535 -15.87 5.73 10.19
C LYS A 535 -14.77 5.22 9.26
N LEU A 536 -13.69 5.99 9.10
CA LEU A 536 -12.60 5.56 8.24
C LEU A 536 -11.89 4.34 8.80
N LEU A 537 -11.59 4.34 10.11
CA LEU A 537 -10.84 3.24 10.71
C LEU A 537 -11.66 1.95 10.79
N ASN A 538 -12.99 2.05 10.75
CA ASN A 538 -13.80 0.83 10.70
C ASN A 538 -13.54 0.04 9.42
N MET A 539 -13.08 0.72 8.37
CA MET A 539 -12.78 0.07 7.09
C MET A 539 -11.29 -0.14 6.89
N LEU A 540 -10.45 0.79 7.38
CA LEU A 540 -9.02 0.69 7.12
C LEU A 540 -8.41 -0.56 7.73
N SER A 541 -9.07 -1.18 8.71
CA SER A 541 -8.53 -2.35 9.39
C SER A 541 -9.01 -3.68 8.82
N LEU A 542 -9.94 -3.66 7.86
CA LEU A 542 -10.42 -4.91 7.29
C LEU A 542 -9.35 -5.58 6.44
N GLY A 543 -8.67 -4.80 5.60
CA GLY A 543 -7.66 -5.36 4.71
C GLY A 543 -8.26 -6.10 3.54
N ASN A 544 -7.66 -7.22 3.17
CA ASN A 544 -8.13 -8.04 2.06
C ASN A 544 -8.95 -9.23 2.54
N SER A 545 -9.35 -9.24 3.82
CA SER A 545 -10.04 -10.40 4.39
C SER A 545 -11.39 -10.63 3.72
N GLY A 546 -12.13 -9.57 3.46
CA GLY A 546 -13.47 -9.70 2.91
C GLY A 546 -13.65 -9.00 1.59
N PRO A 547 -14.82 -9.16 0.97
CA PRO A 547 -15.10 -8.49 -0.29
C PRO A 547 -15.08 -6.97 -0.11
N TRP A 548 -14.62 -6.27 -1.16
CA TRP A 548 -14.54 -4.82 -1.10
C TRP A 548 -15.91 -4.16 -1.09
N THR A 549 -16.95 -4.88 -1.50
CA THR A 549 -18.31 -4.34 -1.44
C THR A 549 -18.72 -4.07 0.00
N LEU A 550 -18.38 -4.98 0.91
CA LEU A 550 -18.70 -4.77 2.32
C LEU A 550 -17.96 -3.55 2.87
N ALA A 551 -16.69 -3.39 2.50
CA ALA A 551 -15.94 -2.22 2.95
C ALA A 551 -16.54 -0.93 2.42
N LEU A 552 -16.93 -0.93 1.15
CA LEU A 552 -17.55 0.27 0.56
C LEU A 552 -18.86 0.59 1.26
N GLU A 553 -19.68 -0.43 1.54
CA GLU A 553 -20.91 -0.21 2.29
C GLU A 553 -20.63 0.31 3.69
N ASN A 554 -19.52 -0.14 4.28
CA ASN A 554 -19.12 0.36 5.60
C ASN A 554 -18.78 1.85 5.53
N VAL A 555 -18.11 2.28 4.46
CA VAL A 555 -17.68 3.68 4.37
C VAL A 555 -18.86 4.57 3.96
N VAL A 556 -19.38 4.36 2.76
CA VAL A 556 -20.37 5.27 2.19
C VAL A 556 -21.79 4.71 2.32
N GLY A 557 -21.96 3.39 2.24
CA GLY A 557 -23.28 2.81 2.35
C GLY A 557 -23.86 2.41 1.02
N SER A 558 -23.01 2.11 0.04
CA SER A 558 -23.44 1.70 -1.28
C SER A 558 -22.66 0.45 -1.71
N ARG A 559 -23.35 -0.44 -2.41
CA ARG A 559 -22.72 -1.67 -2.89
C ARG A 559 -21.83 -1.42 -4.09
N ASN A 560 -22.15 -0.43 -4.92
CA ASN A 560 -21.41 -0.18 -6.15
C ASN A 560 -20.96 1.28 -6.20
N MET A 561 -20.06 1.56 -7.13
CA MET A 561 -19.50 2.89 -7.28
C MET A 561 -20.51 3.85 -7.89
N ASP A 562 -20.27 5.15 -7.67
CA ASP A 562 -21.15 6.19 -8.18
C ASP A 562 -20.27 7.39 -8.53
N VAL A 563 -20.75 8.22 -9.46
CA VAL A 563 -19.98 9.34 -9.99
C VAL A 563 -20.62 10.68 -9.65
N LYS A 564 -21.81 10.69 -9.04
CA LYS A 564 -22.45 11.94 -8.66
C LYS A 564 -21.60 12.83 -7.76
N PRO A 565 -20.84 12.32 -6.77
CA PRO A 565 -20.03 13.23 -5.95
C PRO A 565 -19.07 14.11 -6.74
N LEU A 566 -18.49 13.61 -7.83
CA LEU A 566 -17.61 14.45 -8.65
C LEU A 566 -18.38 15.63 -9.24
N LEU A 567 -19.59 15.36 -9.75
CA LEU A 567 -20.41 16.42 -10.30
C LEU A 567 -20.81 17.44 -9.24
N ASN A 568 -21.15 16.95 -8.04
CA ASN A 568 -21.45 17.88 -6.95
C ASN A 568 -20.24 18.73 -6.59
N TYR A 569 -19.05 18.12 -6.63
CA TYR A 569 -17.82 18.85 -6.35
C TYR A 569 -17.58 19.95 -7.37
N PHE A 570 -17.81 19.65 -8.65
CA PHE A 570 -17.48 20.57 -9.73
C PHE A 570 -18.67 21.40 -10.21
N GLN A 571 -19.78 21.35 -9.50
CA GLN A 571 -20.97 22.12 -9.88
C GLN A 571 -20.72 23.61 -10.15
N PRO A 572 -20.03 24.38 -9.28
CA PRO A 572 -19.78 25.79 -9.63
C PRO A 572 -18.99 25.98 -10.91
N LEU A 573 -18.01 25.12 -11.16
CA LEU A 573 -17.25 25.20 -12.40
C LEU A 573 -18.14 24.92 -13.61
N PHE A 574 -19.03 23.94 -13.48
CA PHE A 574 -19.97 23.64 -14.55
C PHE A 574 -20.86 24.83 -14.85
N VAL A 575 -21.35 25.49 -13.80
CA VAL A 575 -22.19 26.68 -13.98
C VAL A 575 -21.41 27.78 -14.67
N TRP A 576 -20.18 28.03 -14.24
CA TRP A 576 -19.38 29.09 -14.84
C TRP A 576 -19.06 28.79 -16.30
N LEU A 577 -18.77 27.53 -16.61
CA LEU A 577 -18.47 27.16 -18.00
C LEU A 577 -19.69 27.36 -18.89
N LYS A 578 -20.87 26.95 -18.41
CA LYS A 578 -22.09 27.20 -19.19
C LYS A 578 -22.35 28.69 -19.35
N GLU A 579 -22.08 29.47 -18.31
CA GLU A 579 -22.24 30.92 -18.38
C GLU A 579 -21.32 31.51 -19.45
N GLN A 580 -20.07 31.07 -19.48
CA GLN A 580 -19.09 31.67 -20.38
C GLN A 580 -19.28 31.21 -21.82
N ASN A 581 -19.76 29.98 -22.02
CA ASN A 581 -19.76 29.38 -23.35
C ASN A 581 -21.06 29.58 -24.11
N ARG A 582 -21.79 30.68 -23.93
CA ARG A 582 -23.02 30.88 -24.70
C ARG A 582 -22.70 31.08 -26.19
N ASN A 583 -21.66 31.84 -26.50
CA ASN A 583 -21.41 32.22 -27.89
C ASN A 583 -20.85 31.05 -28.70
N SER A 584 -19.92 30.30 -28.12
CA SER A 584 -19.29 29.20 -28.83
C SER A 584 -20.23 28.00 -28.88
N THR A 585 -19.84 26.98 -29.64
CA THR A 585 -20.60 25.75 -29.75
C THR A 585 -20.04 24.69 -28.82
N VAL A 586 -20.85 23.67 -28.56
CA VAL A 586 -20.49 22.57 -27.68
C VAL A 586 -20.52 21.28 -28.49
N GLY A 587 -19.44 20.52 -28.42
CA GLY A 587 -19.32 19.29 -29.18
C GLY A 587 -18.35 19.43 -30.33
N TRP A 588 -17.97 18.28 -30.89
CA TRP A 588 -17.00 18.23 -31.97
C TRP A 588 -17.52 17.28 -33.06
N SER A 589 -17.01 17.48 -34.27
CA SER A 589 -17.36 16.65 -35.41
C SER A 589 -16.13 15.88 -35.88
N THR A 590 -16.37 14.66 -36.35
CA THR A 590 -15.29 13.76 -36.75
C THR A 590 -14.87 13.94 -38.20
N ASP A 591 -15.49 14.88 -38.93
CA ASP A 591 -15.15 15.06 -40.34
C ASP A 591 -13.83 15.81 -40.52
N TRP A 592 -13.48 16.69 -39.58
CA TRP A 592 -12.28 17.51 -39.76
C TRP A 592 -11.03 16.65 -39.76
N SER A 593 -10.07 17.05 -40.60
CA SER A 593 -8.73 16.51 -40.60
C SER A 593 -7.77 17.65 -40.91
N PRO A 594 -6.70 17.80 -40.13
CA PRO A 594 -5.80 18.95 -40.37
C PRO A 594 -4.94 18.77 -41.60
N TYR A 595 -4.40 17.57 -41.84
CA TYR A 595 -3.57 17.35 -43.01
C TYR A 595 -4.39 17.27 -44.30
N ALA A 596 -5.65 16.83 -44.21
CA ALA A 596 -6.50 16.81 -45.38
C ALA A 596 -6.85 18.23 -45.82
N ASP A 597 -6.82 18.46 -47.12
CA ASP A 597 -7.14 19.77 -47.67
C ASP A 597 -8.62 20.09 -47.54
N THR B 1 20.74 -12.03 59.60
CA THR B 1 19.67 -12.35 58.65
C THR B 1 20.24 -13.11 57.46
N ASN B 2 19.35 -13.70 56.66
CA ASN B 2 19.72 -14.50 55.48
C ASN B 2 18.74 -14.17 54.37
N LEU B 3 19.11 -13.21 53.53
CA LEU B 3 18.21 -12.69 52.50
C LEU B 3 18.00 -13.71 51.39
N CYS B 4 16.77 -13.78 50.89
CA CYS B 4 16.48 -14.64 49.77
C CYS B 4 17.20 -14.14 48.52
N PRO B 5 17.71 -15.04 47.68
CA PRO B 5 18.51 -14.63 46.51
C PRO B 5 17.67 -14.21 45.30
N PHE B 6 17.17 -12.99 45.32
CA PHE B 6 16.50 -12.40 44.16
C PHE B 6 17.49 -11.64 43.29
N ASP B 7 18.59 -12.29 42.95
CA ASP B 7 19.59 -11.76 42.03
C ASP B 7 19.81 -12.64 40.83
N GLU B 8 19.87 -13.97 41.02
CA GLU B 8 20.00 -14.89 39.90
C GLU B 8 18.77 -14.91 39.03
N VAL B 9 17.61 -14.48 39.54
CA VAL B 9 16.39 -14.49 38.77
C VAL B 9 16.11 -13.17 38.07
N PHE B 10 16.73 -12.07 38.50
CA PHE B 10 16.46 -10.75 37.95
C PHE B 10 17.66 -10.08 37.30
N ASN B 11 18.87 -10.63 37.46
CA ASN B 11 20.06 -10.03 36.86
C ASN B 11 20.85 -11.06 36.05
N ALA B 12 20.24 -12.18 35.70
CA ALA B 12 20.94 -13.22 34.96
C ALA B 12 21.25 -12.75 33.54
N THR B 13 22.46 -13.07 33.08
CA THR B 13 22.87 -12.65 31.74
C THR B 13 22.05 -13.35 30.66
N ARG B 14 21.76 -14.64 30.84
CA ARG B 14 21.07 -15.43 29.84
C ARG B 14 19.80 -16.02 30.42
N PHE B 15 18.72 -16.00 29.64
CA PHE B 15 17.45 -16.60 30.00
C PHE B 15 17.14 -17.75 29.06
N ALA B 16 16.46 -18.76 29.59
CA ALA B 16 16.15 -19.95 28.82
C ALA B 16 14.97 -19.70 27.89
N SER B 17 14.74 -20.66 26.98
CA SER B 17 13.66 -20.55 26.02
C SER B 17 12.31 -20.81 26.69
N VAL B 18 11.24 -20.58 25.93
CA VAL B 18 9.89 -20.72 26.47
C VAL B 18 9.58 -22.18 26.76
N TYR B 19 9.87 -23.07 25.81
CA TYR B 19 9.50 -24.47 25.97
C TYR B 19 10.33 -25.19 27.03
N ALA B 20 11.46 -24.62 27.46
CA ALA B 20 12.21 -25.11 28.61
C ALA B 20 12.51 -23.91 29.50
N TRP B 21 11.56 -23.56 30.37
CA TRP B 21 11.70 -22.42 31.25
C TRP B 21 12.52 -22.80 32.48
N ASN B 22 13.06 -21.78 33.16
CA ASN B 22 13.91 -22.01 34.32
C ASN B 22 13.08 -21.93 35.60
N ARG B 23 13.18 -22.95 36.44
CA ARG B 23 12.46 -23.03 37.69
C ARG B 23 13.43 -23.06 38.86
N LYS B 24 13.24 -22.16 39.82
CA LYS B 24 14.07 -22.12 41.02
C LYS B 24 13.18 -22.14 42.24
N ARG B 25 13.50 -23.02 43.19
CA ARG B 25 12.78 -23.10 44.45
C ARG B 25 13.60 -22.42 45.55
N ILE B 26 12.91 -21.68 46.41
CA ILE B 26 13.55 -21.00 47.52
C ILE B 26 12.72 -21.17 48.78
N SER B 27 13.40 -21.37 49.90
CA SER B 27 12.79 -21.52 51.21
C SER B 27 13.78 -21.03 52.26
N ASN B 28 13.37 -21.11 53.53
CA ASN B 28 14.16 -20.80 54.72
C ASN B 28 15.09 -19.60 54.56
N CYS B 29 14.61 -18.53 53.91
CA CYS B 29 15.39 -17.31 53.78
C CYS B 29 14.56 -16.08 54.14
N VAL B 30 15.10 -14.90 53.92
CA VAL B 30 14.43 -13.64 54.24
C VAL B 30 14.09 -12.95 52.93
N ALA B 31 12.81 -12.67 52.72
CA ALA B 31 12.33 -12.07 51.48
C ALA B 31 12.03 -10.60 51.68
N ASP B 32 12.51 -9.77 50.75
CA ASP B 32 12.27 -8.33 50.78
C ASP B 32 11.74 -7.90 49.42
N TYR B 33 10.70 -7.07 49.43
CA TYR B 33 10.10 -6.59 48.19
C TYR B 33 10.81 -5.36 47.62
N SER B 34 11.71 -4.75 48.39
CA SER B 34 12.43 -3.57 47.89
C SER B 34 13.39 -3.95 46.77
N VAL B 35 14.01 -5.13 46.86
CA VAL B 35 14.91 -5.58 45.81
C VAL B 35 14.15 -5.85 44.51
N LEU B 36 12.87 -6.21 44.62
CA LEU B 36 12.09 -6.51 43.42
C LEU B 36 11.95 -5.30 42.52
N TYR B 37 11.73 -4.12 43.11
CA TYR B 37 11.59 -2.88 42.34
C TYR B 37 12.97 -2.35 41.93
N ASN B 38 13.71 -3.20 41.21
CA ASN B 38 15.05 -2.86 40.76
C ASN B 38 15.07 -2.20 39.38
N PHE B 39 14.00 -2.34 38.61
CA PHE B 39 13.93 -1.80 37.26
C PHE B 39 12.75 -0.83 37.17
N ALA B 40 13.00 0.34 36.60
CA ALA B 40 11.97 1.37 36.51
C ALA B 40 10.77 0.97 35.67
N PRO B 41 10.92 0.44 34.42
CA PRO B 41 9.74 0.30 33.55
C PRO B 41 8.62 -0.58 34.11
N PHE B 42 8.91 -1.85 34.36
CA PHE B 42 7.90 -2.84 34.76
C PHE B 42 6.65 -2.72 33.87
N PHE B 43 6.84 -3.08 32.61
CA PHE B 43 5.75 -3.01 31.64
C PHE B 43 4.53 -3.80 32.11
N ALA B 44 4.75 -4.99 32.69
CA ALA B 44 3.66 -5.79 33.22
C ALA B 44 3.97 -6.19 34.65
N PHE B 45 3.04 -5.89 35.56
CA PHE B 45 3.18 -6.28 36.97
C PHE B 45 1.77 -6.60 37.46
N LYS B 46 1.42 -7.88 37.47
CA LYS B 46 0.06 -8.28 37.78
C LYS B 46 0.06 -9.41 38.81
N CYS B 47 -0.70 -9.23 39.88
CA CYS B 47 -0.70 -10.15 41.00
C CYS B 47 -2.10 -10.71 41.21
N TYR B 48 -2.20 -12.02 41.41
CA TYR B 48 -3.45 -12.69 41.72
C TYR B 48 -3.33 -13.42 43.06
N GLY B 49 -4.38 -13.34 43.87
CA GLY B 49 -4.43 -14.05 45.12
C GLY B 49 -3.66 -13.43 46.26
N VAL B 50 -3.00 -12.29 46.04
CA VAL B 50 -2.25 -11.59 47.07
C VAL B 50 -2.41 -10.10 46.83
N SER B 51 -2.16 -9.31 47.86
CA SER B 51 -2.32 -7.86 47.75
C SER B 51 -1.16 -7.27 46.97
N PRO B 52 -1.42 -6.58 45.85
CA PRO B 52 -0.32 -5.90 45.15
C PRO B 52 0.37 -4.86 46.01
N THR B 53 -0.38 -4.21 46.91
CA THR B 53 0.23 -3.32 47.89
C THR B 53 1.13 -4.11 48.82
N LYS B 54 2.12 -3.43 49.39
CA LYS B 54 3.11 -4.06 50.24
C LYS B 54 2.45 -4.92 51.31
N LEU B 55 2.70 -6.23 51.24
CA LEU B 55 2.19 -7.18 52.23
C LEU B 55 3.28 -8.24 52.41
N ASN B 56 4.13 -8.05 53.42
CA ASN B 56 5.15 -9.01 53.79
C ASN B 56 4.79 -9.80 55.04
N ASP B 57 3.61 -9.54 55.63
CA ASP B 57 3.24 -10.21 56.87
C ASP B 57 3.04 -11.71 56.64
N LEU B 58 2.45 -12.09 55.52
CA LEU B 58 2.17 -13.49 55.26
C LEU B 58 3.47 -14.27 55.08
N CYS B 59 3.53 -15.45 55.68
CA CYS B 59 4.68 -16.33 55.60
C CYS B 59 4.30 -17.61 54.88
N PHE B 60 5.13 -18.03 53.92
CA PHE B 60 4.87 -19.20 53.10
C PHE B 60 5.96 -20.24 53.32
N THR B 61 5.74 -21.42 52.73
CA THR B 61 6.67 -22.53 52.87
C THR B 61 7.64 -22.65 51.70
N ASN B 62 7.17 -22.45 50.46
CA ASN B 62 8.03 -22.54 49.30
C ASN B 62 7.68 -21.44 48.32
N VAL B 63 8.69 -20.86 47.68
CA VAL B 63 8.50 -19.86 46.65
C VAL B 63 9.19 -20.34 45.38
N TYR B 64 8.45 -20.34 44.27
CA TYR B 64 8.94 -20.81 42.99
C TYR B 64 9.07 -19.62 42.04
N ALA B 65 10.23 -19.51 41.39
CA ALA B 65 10.48 -18.49 40.40
C ALA B 65 10.66 -19.16 39.05
N ASP B 66 9.80 -18.81 38.09
CA ASP B 66 9.85 -19.35 36.75
C ASP B 66 10.20 -18.22 35.78
N SER B 67 11.30 -18.38 35.05
CA SER B 67 11.82 -17.34 34.18
C SER B 67 11.90 -17.82 32.74
N PHE B 68 11.54 -16.94 31.82
CA PHE B 68 11.68 -17.20 30.39
C PHE B 68 11.60 -15.88 29.62
N VAL B 69 11.70 -15.98 28.29
CA VAL B 69 11.70 -14.83 27.40
C VAL B 69 10.68 -15.07 26.30
N ILE B 70 9.73 -14.15 26.16
CA ILE B 70 8.68 -14.24 25.14
C ILE B 70 8.62 -12.92 24.39
N ARG B 71 7.68 -12.83 23.46
CA ARG B 71 7.47 -11.61 22.69
C ARG B 71 6.52 -10.67 23.43
N GLY B 72 6.39 -9.46 22.90
CA GLY B 72 5.54 -8.47 23.54
C GLY B 72 4.05 -8.82 23.48
N ASN B 73 3.60 -9.35 22.34
CA ASN B 73 2.18 -9.63 22.18
C ASN B 73 1.73 -10.80 23.05
N GLU B 74 2.64 -11.74 23.36
CA GLU B 74 2.29 -12.92 24.11
C GLU B 74 2.29 -12.69 25.62
N VAL B 75 2.66 -11.49 26.08
CA VAL B 75 2.70 -11.22 27.52
C VAL B 75 1.32 -11.37 28.13
N SER B 76 0.28 -10.94 27.41
CA SER B 76 -1.08 -11.08 27.90
C SER B 76 -1.53 -12.53 27.97
N GLN B 77 -0.80 -13.47 27.36
CA GLN B 77 -1.17 -14.87 27.40
C GLN B 77 -0.64 -15.60 28.63
N ILE B 78 0.23 -14.98 29.41
CA ILE B 78 0.71 -15.56 30.66
C ILE B 78 -0.26 -15.10 31.75
N ALA B 79 -1.37 -15.83 31.88
CA ALA B 79 -2.44 -15.48 32.78
C ALA B 79 -3.25 -16.74 33.07
N PRO B 80 -3.98 -16.78 34.19
CA PRO B 80 -4.78 -17.97 34.49
C PRO B 80 -6.08 -17.95 33.71
N GLY B 81 -6.29 -18.95 32.86
CA GLY B 81 -7.49 -19.04 32.05
C GLY B 81 -7.39 -18.27 30.75
N GLN B 82 -6.40 -18.62 29.93
CA GLN B 82 -6.20 -17.97 28.64
C GLN B 82 -5.96 -19.03 27.57
N THR B 83 -6.31 -18.69 26.33
CA THR B 83 -6.16 -19.58 25.19
C THR B 83 -5.23 -18.93 24.17
N GLY B 84 -4.35 -19.73 23.58
CA GLY B 84 -3.41 -19.22 22.60
C GLY B 84 -2.42 -20.28 22.17
N ASN B 85 -1.25 -19.83 21.74
CA ASN B 85 -0.18 -20.73 21.32
C ASN B 85 0.75 -21.02 22.51
N ILE B 86 1.31 -19.96 23.10
CA ILE B 86 2.21 -20.14 24.24
C ILE B 86 1.46 -20.74 25.42
N ALA B 87 0.25 -20.26 25.70
CA ALA B 87 -0.52 -20.72 26.85
C ALA B 87 -1.06 -22.13 26.68
N ASP B 88 -1.01 -22.70 25.48
CA ASP B 88 -1.54 -24.03 25.25
C ASP B 88 -0.49 -25.07 24.88
N TYR B 89 0.66 -24.66 24.34
CA TYR B 89 1.70 -25.61 23.96
C TYR B 89 3.02 -25.43 24.69
N ASN B 90 3.22 -24.31 25.39
CA ASN B 90 4.51 -24.02 25.99
C ASN B 90 4.46 -23.86 27.50
N TYR B 91 3.52 -23.09 28.02
CA TYR B 91 3.50 -22.77 29.45
C TYR B 91 2.07 -22.45 29.86
N LYS B 92 1.54 -23.22 30.82
CA LYS B 92 0.16 -23.09 31.25
C LYS B 92 0.10 -22.87 32.76
N LEU B 93 -0.78 -21.96 33.18
CA LEU B 93 -1.03 -21.66 34.58
C LEU B 93 -2.42 -22.14 34.99
N PRO B 94 -2.60 -22.58 36.23
CA PRO B 94 -3.89 -23.09 36.67
C PRO B 94 -4.82 -21.97 37.12
N ASP B 95 -6.10 -22.33 37.30
CA ASP B 95 -7.12 -21.35 37.67
C ASP B 95 -6.99 -20.91 39.13
N ASP B 96 -6.45 -21.76 39.99
CA ASP B 96 -6.26 -21.44 41.41
C ASP B 96 -4.91 -20.77 41.67
N PHE B 97 -4.34 -20.11 40.66
CA PHE B 97 -3.02 -19.51 40.81
C PHE B 97 -3.04 -18.39 41.84
N THR B 98 -2.03 -18.38 42.71
CA THR B 98 -1.83 -17.34 43.72
C THR B 98 -0.37 -16.91 43.62
N GLY B 99 -0.11 -15.86 42.84
CA GLY B 99 1.24 -15.42 42.63
C GLY B 99 1.29 -14.08 41.94
N CYS B 100 2.42 -13.82 41.29
CA CYS B 100 2.63 -12.55 40.60
C CYS B 100 3.43 -12.77 39.32
N VAL B 101 3.07 -12.02 38.28
CA VAL B 101 3.73 -12.09 36.98
C VAL B 101 4.36 -10.74 36.69
N ILE B 102 5.64 -10.75 36.33
CA ILE B 102 6.40 -9.54 36.02
C ILE B 102 7.02 -9.71 34.64
N ALA B 103 6.88 -8.67 33.81
CA ALA B 103 7.42 -8.71 32.46
C ALA B 103 7.99 -7.35 32.12
N TRP B 104 9.23 -7.35 31.60
CA TRP B 104 9.89 -6.10 31.26
C TRP B 104 10.70 -6.26 29.98
N ASN B 105 10.94 -5.12 29.31
CA ASN B 105 11.59 -5.12 28.01
C ASN B 105 13.06 -5.51 28.13
N SER B 106 13.57 -6.17 27.08
CA SER B 106 14.96 -6.60 27.03
C SER B 106 15.54 -6.41 25.63
N ASN B 107 15.11 -5.39 24.91
CA ASN B 107 15.58 -5.19 23.54
C ASN B 107 17.08 -4.89 23.49
N LYS B 108 17.58 -4.11 24.44
CA LYS B 108 18.97 -3.66 24.41
C LYS B 108 19.96 -4.80 24.61
N LEU B 109 19.53 -5.97 25.09
CA LEU B 109 20.42 -7.08 25.36
C LEU B 109 20.13 -8.34 24.57
N ASP B 110 18.90 -8.53 24.08
CA ASP B 110 18.50 -9.75 23.39
C ASP B 110 18.17 -9.51 21.92
N SER B 111 18.77 -8.49 21.31
CA SER B 111 18.55 -8.18 19.91
C SER B 111 19.90 -7.96 19.23
N LYS B 112 20.06 -8.56 18.05
CA LYS B 112 21.27 -8.41 17.25
C LYS B 112 20.88 -8.04 15.83
N VAL B 113 21.81 -7.38 15.13
CA VAL B 113 21.53 -6.94 13.77
C VAL B 113 21.29 -8.15 12.85
N GLY B 114 22.16 -9.15 12.94
CA GLY B 114 21.97 -10.35 12.15
C GLY B 114 20.73 -11.14 12.57
N GLY B 115 20.52 -11.28 13.88
CA GLY B 115 19.38 -12.01 14.39
C GLY B 115 19.76 -13.04 15.43
N ASN B 116 19.11 -12.99 16.59
CA ASN B 116 19.34 -13.95 17.67
C ASN B 116 18.42 -15.14 17.46
N TYR B 117 18.97 -16.25 16.99
CA TYR B 117 18.19 -17.42 16.65
C TYR B 117 18.27 -18.51 17.72
N ASN B 118 18.80 -18.19 18.90
CA ASN B 118 18.89 -19.19 19.97
C ASN B 118 17.52 -19.45 20.60
N TYR B 119 16.71 -18.42 20.75
CA TYR B 119 15.41 -18.58 21.39
C TYR B 119 14.47 -19.37 20.49
N LEU B 120 13.71 -20.29 21.08
CA LEU B 120 12.83 -21.18 20.33
C LEU B 120 11.49 -21.28 21.03
N TYR B 121 10.49 -21.73 20.26
CA TYR B 121 9.15 -21.97 20.79
C TYR B 121 8.51 -23.09 19.99
N ARG B 122 7.61 -23.81 20.64
CA ARG B 122 6.95 -24.96 20.04
C ARG B 122 5.68 -24.51 19.34
N LEU B 123 5.45 -25.07 18.15
CA LEU B 123 4.33 -24.66 17.30
C LEU B 123 3.27 -25.73 17.10
N PHE B 124 3.64 -27.01 17.20
CA PHE B 124 2.69 -28.10 17.00
C PHE B 124 2.76 -29.07 18.18
N ARG B 125 1.60 -29.52 18.63
CA ARG B 125 1.52 -30.49 19.72
C ARG B 125 0.20 -31.25 19.60
N LYS B 126 0.24 -32.51 20.03
CA LYS B 126 -0.95 -33.36 19.92
C LYS B 126 -2.06 -32.90 20.85
N SER B 127 -1.73 -32.63 22.11
CA SER B 127 -2.73 -32.27 23.11
C SER B 127 -2.21 -31.13 23.97
N ASN B 128 -3.14 -30.38 24.56
CA ASN B 128 -2.78 -29.23 25.37
C ASN B 128 -2.02 -29.66 26.62
N LEU B 129 -1.14 -28.78 27.09
CA LEU B 129 -0.31 -29.07 28.24
C LEU B 129 -1.09 -28.89 29.54
N LYS B 130 -0.83 -29.77 30.50
CA LYS B 130 -1.35 -29.60 31.84
C LYS B 130 -0.60 -28.50 32.57
N PRO B 131 -1.21 -27.88 33.58
CA PRO B 131 -0.55 -26.77 34.28
C PRO B 131 0.76 -27.19 34.91
N PHE B 132 1.73 -26.28 34.85
CA PHE B 132 3.07 -26.50 35.44
C PHE B 132 3.72 -27.77 34.89
N GLU B 133 3.57 -28.01 33.60
CA GLU B 133 4.18 -29.15 32.94
C GLU B 133 5.00 -28.67 31.75
N ARG B 134 6.19 -29.24 31.58
CA ARG B 134 7.09 -28.87 30.50
C ARG B 134 7.35 -30.07 29.60
N ASP B 135 7.57 -29.80 28.32
CA ASP B 135 7.85 -30.82 27.32
C ASP B 135 9.06 -30.40 26.52
N ILE B 136 10.04 -31.29 26.41
CA ILE B 136 11.29 -31.01 25.71
C ILE B 136 11.56 -32.07 24.66
N SER B 137 10.52 -32.76 24.22
CA SER B 137 10.67 -33.77 23.19
C SER B 137 10.60 -33.14 21.81
N THR B 138 11.41 -33.69 20.89
CA THR B 138 11.57 -33.13 19.55
C THR B 138 11.25 -34.16 18.46
N GLU B 139 10.25 -34.99 18.68
CA GLU B 139 9.83 -35.92 17.64
C GLU B 139 9.14 -35.17 16.51
N ILE B 140 9.10 -35.81 15.34
CA ILE B 140 8.54 -35.18 14.15
C ILE B 140 7.01 -35.24 14.22
N TYR B 141 6.38 -34.08 14.08
CA TYR B 141 4.92 -33.99 14.15
C TYR B 141 4.28 -34.72 12.98
N GLN B 142 3.11 -35.31 13.24
CA GLN B 142 2.42 -36.16 12.26
C GLN B 142 0.93 -35.78 12.27
N ALA B 143 0.52 -35.02 11.26
CA ALA B 143 -0.87 -34.58 11.13
C ALA B 143 -1.66 -35.40 10.11
N GLY B 144 -1.06 -36.46 9.55
CA GLY B 144 -1.71 -37.22 8.50
C GLY B 144 -1.80 -38.70 8.85
N ASN B 145 -2.65 -39.40 8.10
CA ASN B 145 -2.83 -40.83 8.31
C ASN B 145 -1.60 -41.62 7.88
N LYS B 146 -0.92 -41.18 6.84
CA LYS B 146 0.28 -41.87 6.38
C LYS B 146 1.38 -41.76 7.44
N PRO B 147 2.04 -42.87 7.79
CA PRO B 147 3.09 -42.79 8.82
C PRO B 147 4.24 -41.91 8.36
N CYS B 148 4.74 -41.09 9.28
CA CYS B 148 5.83 -40.17 8.95
C CYS B 148 7.15 -40.91 8.81
N ASN B 149 7.38 -41.88 9.69
CA ASN B 149 8.56 -42.75 9.66
C ASN B 149 9.85 -41.93 9.72
N GLY B 150 9.87 -41.00 10.68
CA GLY B 150 11.09 -40.29 11.02
C GLY B 150 11.72 -39.50 9.88
N VAL B 151 10.92 -38.78 9.11
CA VAL B 151 11.45 -37.92 8.05
C VAL B 151 10.44 -36.82 7.74
N ALA B 152 10.93 -35.59 7.65
CA ALA B 152 10.05 -34.46 7.35
C ALA B 152 9.62 -34.47 5.90
N GLY B 153 8.50 -33.80 5.63
CA GLY B 153 7.98 -33.73 4.28
C GLY B 153 6.54 -33.25 4.24
N PHE B 154 5.74 -33.83 3.34
CA PHE B 154 4.34 -33.46 3.25
C PHE B 154 3.58 -33.96 4.47
N ASN B 155 2.85 -33.05 5.11
CA ASN B 155 2.09 -33.36 6.34
C ASN B 155 2.99 -33.89 7.44
N CYS B 156 4.27 -33.54 7.38
CA CYS B 156 5.24 -33.88 8.42
C CYS B 156 6.04 -32.62 8.74
N TYR B 157 6.08 -32.25 10.02
CA TYR B 157 6.65 -30.96 10.41
C TYR B 157 7.51 -31.12 11.65
N PHE B 158 8.47 -30.21 11.79
CA PHE B 158 9.32 -30.10 12.97
C PHE B 158 8.70 -29.12 13.96
N PRO B 159 8.49 -29.53 15.22
CA PRO B 159 7.76 -28.67 16.16
C PRO B 159 8.39 -27.32 16.44
N LEU B 160 9.66 -27.31 16.85
CA LEU B 160 10.28 -26.09 17.34
C LEU B 160 10.60 -25.12 16.21
N ARG B 161 10.50 -23.83 16.52
CA ARG B 161 10.82 -22.74 15.60
C ARG B 161 11.53 -21.66 16.37
N SER B 162 12.12 -20.70 15.65
CA SER B 162 12.94 -19.67 16.26
C SER B 162 12.29 -18.29 16.13
N TYR B 163 12.63 -17.40 17.07
CA TYR B 163 12.17 -16.02 17.02
C TYR B 163 12.95 -15.19 16.01
N GLY B 164 14.25 -15.03 16.22
CA GLY B 164 15.07 -14.20 15.36
C GLY B 164 14.82 -12.72 15.53
N PHE B 165 15.12 -12.20 16.72
CA PHE B 165 14.88 -10.79 17.01
C PHE B 165 15.87 -9.88 16.28
N ARG B 166 15.44 -8.65 16.05
CA ARG B 166 16.26 -7.62 15.44
C ARG B 166 15.96 -6.29 16.12
N PRO B 167 16.90 -5.34 16.06
CA PRO B 167 16.76 -4.12 16.81
C PRO B 167 16.05 -3.02 16.06
N THR B 168 15.16 -3.36 15.15
CA THR B 168 14.38 -2.35 14.41
C THR B 168 12.94 -2.84 14.39
N TYR B 169 12.71 -4.09 14.81
CA TYR B 169 11.32 -4.51 14.93
C TYR B 169 10.52 -3.55 15.81
N GLY B 170 9.20 -3.68 15.74
CA GLY B 170 8.32 -2.86 16.53
C GLY B 170 8.29 -3.28 17.99
N VAL B 171 7.59 -2.47 18.79
CA VAL B 171 7.51 -2.73 20.23
C VAL B 171 6.80 -4.05 20.51
N GLY B 172 5.85 -4.44 19.65
CA GLY B 172 5.12 -5.67 19.86
C GLY B 172 5.92 -6.93 19.60
N HIS B 173 6.95 -6.84 18.76
CA HIS B 173 7.77 -7.99 18.41
C HIS B 173 9.14 -7.97 19.10
N GLN B 174 9.37 -6.99 19.98
CA GLN B 174 10.64 -6.92 20.69
C GLN B 174 10.69 -7.96 21.80
N PRO B 175 11.90 -8.41 22.17
CA PRO B 175 12.01 -9.44 23.21
C PRO B 175 11.70 -8.89 24.59
N TYR B 176 10.91 -9.65 25.35
CA TYR B 176 10.52 -9.32 26.70
C TYR B 176 10.87 -10.47 27.63
N ARG B 177 11.29 -10.15 28.84
CA ARG B 177 11.65 -11.13 29.85
C ARG B 177 10.55 -11.21 30.90
N VAL B 178 10.13 -12.44 31.23
CA VAL B 178 9.01 -12.67 32.13
C VAL B 178 9.46 -13.59 33.27
N VAL B 179 9.12 -13.19 34.49
CA VAL B 179 9.38 -13.96 35.70
C VAL B 179 8.07 -14.08 36.48
N VAL B 180 7.74 -15.30 36.90
CA VAL B 180 6.52 -15.59 37.63
C VAL B 180 6.89 -16.14 39.00
N LEU B 181 6.33 -15.53 40.04
CA LEU B 181 6.53 -15.97 41.42
C LEU B 181 5.26 -16.68 41.87
N SER B 182 5.43 -17.91 42.36
CA SER B 182 4.34 -18.73 42.88
C SER B 182 4.63 -19.06 44.35
N PHE B 183 3.60 -18.96 45.18
CA PHE B 183 3.73 -19.18 46.62
C PHE B 183 2.96 -20.43 47.01
N GLU B 184 3.63 -21.36 47.68
CA GLU B 184 2.99 -22.60 48.12
C GLU B 184 3.17 -22.77 49.62
N LEU B 185 2.08 -23.10 50.30
CA LEU B 185 2.06 -23.30 51.75
C LEU B 185 1.59 -24.74 52.01
N LEU B 186 2.54 -25.65 52.08
CA LEU B 186 2.24 -27.05 52.33
C LEU B 186 2.17 -27.31 53.84
N HIS B 187 1.92 -28.56 54.21
CA HIS B 187 1.86 -28.97 55.61
C HIS B 187 3.28 -29.18 56.10
N ALA B 188 3.92 -28.08 56.50
CA ALA B 188 5.32 -28.08 56.92
C ALA B 188 5.57 -26.81 57.74
N PRO B 189 6.68 -26.72 58.48
CA PRO B 189 6.98 -25.48 59.20
C PRO B 189 7.14 -24.31 58.24
N ALA B 190 6.66 -23.15 58.66
CA ALA B 190 6.77 -21.94 57.85
C ALA B 190 8.22 -21.52 57.74
N THR B 191 8.67 -21.24 56.52
CA THR B 191 10.07 -20.95 56.25
C THR B 191 10.29 -19.54 55.71
N VAL B 192 9.59 -19.16 54.65
CA VAL B 192 9.78 -17.86 54.02
C VAL B 192 8.98 -16.83 54.79
N CYS B 193 9.66 -15.78 55.27
CA CYS B 193 9.03 -14.71 56.03
C CYS B 193 9.65 -13.38 55.63
N GLY B 194 9.28 -12.33 56.35
CA GLY B 194 9.76 -11.00 56.07
C GLY B 194 11.09 -10.72 56.73
N PRO B 195 11.48 -9.44 56.80
CA PRO B 195 12.73 -8.99 57.41
C PRO B 195 12.86 -9.40 58.88
ZN ZN C . 0.61 7.22 -3.04
C1 NAG D . 23.32 -6.45 38.00
C2 NAG D . 24.55 -6.83 37.19
C3 NAG D . 25.46 -5.62 36.95
C4 NAG D . 24.81 -4.31 37.40
C5 NAG D . 23.30 -4.22 37.10
C6 NAG D . 23.00 -3.79 35.68
C7 NAG D . 25.91 -8.12 38.90
C8 NAG D . 25.89 -6.95 39.85
N2 NAG D . 25.28 -7.98 37.72
O3 NAG D . 25.81 -5.55 35.58
O4 NAG D . 25.06 -4.06 38.77
O5 NAG D . 22.60 -5.46 37.32
O6 NAG D . 23.53 -2.50 35.41
O7 NAG D . 26.48 -9.17 39.20
#